data_8S76
#
_entry.id   8S76
#
_cell.length_a   47.395
_cell.length_b   80.362
_cell.length_c   90.224
_cell.angle_alpha   90.00
_cell.angle_beta   92.17
_cell.angle_gamma   90.00
#
_symmetry.space_group_name_H-M   'P 1 21 1'
#
loop_
_entity.id
_entity.type
_entity.pdbx_description
1 polymer 'Bifunctional epoxide hydrolase 2'
2 non-polymer ~{N}-[[4-[3-[1-[2-[2-[2-[[2-[2,6-bis(oxidanylidene)piperidin-3-yl]-1,3-bis(oxidanylidene)isoindol-5-yl]amino]-2-oxidanylidene-ethoxy]ethoxy]ethyl]-1,2,3-triazol-4-yl]propylsulfonylamino]-2-(trifluoromethyl)phenyl]methyl]-1-[(3-fluorophenyl)methyl]indole-5-carboxamide
3 non-polymer 1,2-ETHANEDIOL
4 non-polymer DI(HYDROXYETHYL)ETHER
5 water water
#
_entity_poly.entity_id   1
_entity_poly.type   'polypeptide(L)'
_entity_poly.pdbx_seq_one_letter_code
;MGSSHHHHHHSSGLVPRGSHMASMLNTPAPLPTSCNPSDMSHGYVTVKPRVRLHFVELGSGPAVCLCHGFPESWYSWRYQ
IPALAQAGYRVLAMDMKGYGESSAPPEIEEYCMEVLCKEMVTFLDKLGLSQAVFIGHDWGGMLVWYMALFYPERVRAVAS
LNTPFIPANPNMSPLESIKANPVFDYQLYFQEPGVAEAELEQNLSRTFKSLFRASDESVLSMHKVCEAGGLFVNSPEEPS
LSRMVTEEEIQFYVQQFKKSGFRGPLNWYRNMERNWKWACKSLGRKILIPALMVTAEKDFVLVPQMSQHMEDWIPHLKRG
HIEDCGHWTQMDKPTEVNQILIKWLDSDARNPPVVSKMLLEHHHHHH
;
_entity_poly.pdbx_strand_id   A,B
#
loop_
_chem_comp.id
_chem_comp.type
_chem_comp.name
_chem_comp.formula
A1H5M non-polymer ~{N}-[[4-[3-[1-[2-[2-[2-[[2-[2,6-bis(oxidanylidene)piperidin-3-yl]-1,3-bis(oxidanylidene)isoindol-5-yl]amino]-2-oxidanylidene-ethoxy]ethoxy]ethyl]-1,2,3-triazol-4-yl]propylsulfonylamino]-2-(trifluoromethyl)phenyl]methyl]-1-[(3-fluorophenyl)methyl]indole-5-carboxamide 'C48 H45 F4 N9 O10 S'
EDO non-polymer 1,2-ETHANEDIOL 'C2 H6 O2'
PEG non-polymer DI(HYDROXYETHYL)ETHER 'C4 H10 O3'
#
# COMPACT_ATOMS: atom_id res chain seq x y z
N PRO A 30 5.97 2.70 -30.16
CA PRO A 30 5.09 3.28 -29.15
C PRO A 30 5.49 2.78 -27.77
N LEU A 31 6.03 3.66 -26.93
CA LEU A 31 6.42 3.31 -25.56
C LEU A 31 5.16 2.92 -24.80
N PRO A 32 5.23 1.88 -23.94
CA PRO A 32 4.16 1.62 -22.99
C PRO A 32 3.92 2.85 -22.14
N THR A 33 2.72 2.88 -21.55
CA THR A 33 2.41 3.83 -20.50
C THR A 33 3.48 3.76 -19.40
N SER A 34 3.86 4.91 -18.88
CA SER A 34 4.82 4.98 -17.78
C SER A 34 4.11 5.38 -16.48
N CYS A 35 4.87 5.72 -15.44
CA CYS A 35 4.33 6.10 -14.15
C CYS A 35 4.81 7.49 -13.75
N ASN A 36 3.90 8.25 -13.14
CA ASN A 36 4.19 9.53 -12.56
C ASN A 36 4.25 9.30 -11.05
N PRO A 37 5.40 9.45 -10.39
CA PRO A 37 5.53 9.16 -8.96
C PRO A 37 4.44 9.73 -8.05
N SER A 38 4.05 10.98 -8.34
N SER A 38 4.05 10.99 -8.28
CA SER A 38 3.05 11.69 -7.54
CA SER A 38 3.05 11.62 -7.41
C SER A 38 1.66 11.10 -7.66
C SER A 38 1.63 11.10 -7.66
N ASP A 39 1.41 10.28 -8.69
CA ASP A 39 0.13 9.68 -8.97
C ASP A 39 0.06 8.24 -8.47
N MET A 40 1.10 7.75 -7.77
CA MET A 40 1.09 6.35 -7.34
C MET A 40 0.63 6.26 -5.87
N SER A 41 0.15 5.09 -5.49
CA SER A 41 0.00 4.72 -4.09
C SER A 41 1.38 4.31 -3.56
N HIS A 42 1.80 4.96 -2.49
CA HIS A 42 3.07 4.72 -1.85
C HIS A 42 2.85 3.99 -0.52
N GLY A 43 3.49 2.83 -0.37
CA GLY A 43 3.37 2.01 0.83
C GLY A 43 4.67 1.88 1.59
N TYR A 44 4.54 1.68 2.91
CA TYR A 44 5.69 1.62 3.81
C TYR A 44 5.42 0.49 4.81
N VAL A 45 6.37 -0.41 4.97
CA VAL A 45 6.28 -1.54 5.91
C VAL A 45 7.55 -1.50 6.74
N THR A 46 7.43 -1.49 8.09
CA THR A 46 8.59 -1.62 8.95
C THR A 46 8.83 -3.09 9.23
N VAL A 47 9.91 -3.63 8.72
CA VAL A 47 10.20 -5.05 8.81
C VAL A 47 11.01 -5.31 10.08
N LYS A 48 11.75 -4.31 10.55
CA LYS A 48 12.48 -4.37 11.82
C LYS A 48 12.51 -2.96 12.36
N PRO A 49 12.81 -2.71 13.67
CA PRO A 49 12.76 -1.34 14.15
C PRO A 49 13.47 -0.26 13.33
N ARG A 50 14.65 -0.57 12.75
CA ARG A 50 15.38 0.45 11.99
C ARG A 50 15.27 0.29 10.48
N VAL A 51 14.39 -0.63 10.01
CA VAL A 51 14.33 -0.93 8.59
C VAL A 51 12.87 -0.88 8.11
N ARG A 52 12.61 0.18 7.32
CA ARG A 52 11.32 0.44 6.67
CA ARG A 52 11.31 0.35 6.68
C ARG A 52 11.51 0.28 5.17
N LEU A 53 10.67 -0.51 4.52
CA LEU A 53 10.73 -0.70 3.08
C LEU A 53 9.56 0.05 2.45
N HIS A 54 9.89 0.79 1.37
CA HIS A 54 8.94 1.56 0.56
C HIS A 54 8.64 0.78 -0.71
N PHE A 55 7.42 0.97 -1.19
CA PHE A 55 7.01 0.40 -2.46
C PHE A 55 5.89 1.25 -3.03
N VAL A 56 5.68 1.06 -4.33
CA VAL A 56 4.45 1.53 -4.94
C VAL A 56 3.59 0.33 -5.31
N GLU A 57 2.25 0.56 -5.35
CA GLU A 57 1.28 -0.50 -5.57
C GLU A 57 0.24 -0.03 -6.57
N LEU A 58 -0.01 -0.89 -7.55
CA LEU A 58 -1.02 -0.61 -8.57
C LEU A 58 -1.70 -1.91 -8.99
N GLY A 59 -3.06 -1.90 -9.08
CA GLY A 59 -3.75 -3.04 -9.67
C GLY A 59 -4.38 -3.96 -8.62
N SER A 60 -5.22 -4.86 -9.13
CA SER A 60 -5.82 -5.96 -8.39
C SER A 60 -5.48 -7.28 -9.04
N GLY A 61 -5.55 -8.36 -8.31
CA GLY A 61 -5.19 -9.66 -8.82
C GLY A 61 -4.08 -10.30 -7.98
N PRO A 62 -3.49 -11.42 -8.48
CA PRO A 62 -2.37 -12.06 -7.79
C PRO A 62 -1.28 -11.02 -7.56
N ALA A 63 -0.62 -11.11 -6.40
CA ALA A 63 0.43 -10.19 -6.03
C ALA A 63 1.70 -10.51 -6.81
N VAL A 64 2.32 -9.48 -7.42
CA VAL A 64 3.58 -9.59 -8.14
C VAL A 64 4.52 -8.51 -7.58
N CYS A 65 5.65 -8.96 -7.02
N CYS A 65 5.63 -8.99 -7.00
CA CYS A 65 6.63 -8.10 -6.37
CA CYS A 65 6.68 -8.16 -6.43
C CYS A 65 7.85 -7.94 -7.28
C CYS A 65 7.76 -7.96 -7.48
N LEU A 66 8.09 -6.69 -7.72
CA LEU A 66 9.17 -6.35 -8.65
C LEU A 66 10.35 -5.85 -7.85
N CYS A 67 11.54 -6.38 -8.14
CA CYS A 67 12.77 -6.14 -7.36
C CYS A 67 13.90 -5.70 -8.30
N HIS A 68 14.24 -4.39 -8.23
CA HIS A 68 15.24 -3.78 -9.09
C HIS A 68 16.66 -4.12 -8.71
N GLY A 69 17.56 -3.70 -9.60
CA GLY A 69 18.98 -3.96 -9.38
C GLY A 69 19.81 -2.72 -9.06
N PHE A 70 21.13 -2.86 -9.32
CA PHE A 70 22.03 -1.75 -8.94
C PHE A 70 22.40 -0.87 -10.12
N PRO A 71 22.44 0.49 -10.03
CA PRO A 71 21.91 1.31 -8.93
C PRO A 71 20.61 1.96 -9.34
N GLU A 72 19.51 1.27 -9.05
CA GLU A 72 18.22 1.60 -9.65
C GLU A 72 17.20 2.05 -8.61
N SER A 73 15.93 1.75 -8.85
CA SER A 73 14.77 2.36 -8.16
C SER A 73 13.53 1.53 -8.47
N TRP A 74 12.44 1.65 -7.68
CA TRP A 74 11.15 1.14 -8.13
C TRP A 74 10.79 1.68 -9.51
N TYR A 75 11.26 2.91 -9.80
CA TYR A 75 10.92 3.59 -11.04
C TYR A 75 11.56 2.94 -12.26
N SER A 76 12.56 2.05 -12.07
CA SER A 76 13.09 1.28 -13.16
C SER A 76 12.04 0.39 -13.82
N TRP A 77 10.96 0.09 -13.09
CA TRP A 77 9.86 -0.70 -13.58
C TRP A 77 8.71 0.13 -14.13
N ARG A 78 8.93 1.43 -14.36
CA ARG A 78 7.86 2.34 -14.76
C ARG A 78 7.05 1.90 -15.98
N TYR A 79 7.66 1.19 -16.94
CA TYR A 79 6.95 0.71 -18.11
C TYR A 79 6.25 -0.62 -17.88
N GLN A 80 6.62 -1.36 -16.82
CA GLN A 80 5.97 -2.62 -16.49
C GLN A 80 4.76 -2.46 -15.56
N ILE A 81 4.83 -1.51 -14.68
CA ILE A 81 3.82 -1.43 -13.62
C ILE A 81 2.44 -1.23 -14.21
N PRO A 82 2.19 -0.26 -15.13
CA PRO A 82 0.83 -0.16 -15.67
C PRO A 82 0.40 -1.36 -16.48
N ALA A 83 1.29 -1.91 -17.30
CA ALA A 83 0.98 -3.03 -18.14
C ALA A 83 0.56 -4.23 -17.32
N LEU A 84 1.34 -4.53 -16.28
CA LEU A 84 1.04 -5.69 -15.46
C LEU A 84 -0.29 -5.47 -14.71
N ALA A 85 -0.53 -4.27 -14.19
CA ALA A 85 -1.82 -4.00 -13.53
C ALA A 85 -2.98 -4.14 -14.52
N GLN A 86 -2.82 -3.66 -15.76
CA GLN A 86 -3.90 -3.79 -16.74
CA GLN A 86 -3.85 -3.80 -16.79
C GLN A 86 -4.14 -5.25 -17.13
N ALA A 87 -3.11 -6.10 -17.07
CA ALA A 87 -3.18 -7.52 -17.39
C ALA A 87 -3.86 -8.33 -16.27
N GLY A 88 -4.15 -7.67 -15.15
CA GLY A 88 -4.90 -8.28 -14.05
C GLY A 88 -4.05 -8.73 -12.87
N TYR A 89 -2.98 -7.97 -12.55
CA TYR A 89 -2.10 -8.32 -11.43
C TYR A 89 -2.03 -7.13 -10.47
N ARG A 90 -1.83 -7.42 -9.18
CA ARG A 90 -1.56 -6.46 -8.16
C ARG A 90 -0.03 -6.29 -8.04
N VAL A 91 0.46 -5.14 -8.52
CA VAL A 91 1.90 -4.93 -8.64
C VAL A 91 2.41 -4.18 -7.42
N LEU A 92 3.50 -4.73 -6.83
CA LEU A 92 4.22 -4.11 -5.73
C LEU A 92 5.65 -3.86 -6.20
N ALA A 93 5.99 -2.63 -6.48
CA ALA A 93 7.33 -2.37 -6.98
C ALA A 93 8.14 -1.73 -5.86
N MET A 94 9.18 -2.44 -5.45
CA MET A 94 9.92 -2.06 -4.26
C MET A 94 11.01 -1.01 -4.54
N ASP A 95 11.29 -0.18 -3.53
CA ASP A 95 12.63 0.38 -3.36
C ASP A 95 13.37 -0.62 -2.51
N MET A 96 14.41 -1.25 -3.10
CA MET A 96 15.14 -2.23 -2.35
C MET A 96 15.88 -1.59 -1.16
N LYS A 97 16.22 -2.38 -0.14
CA LYS A 97 16.97 -1.84 0.99
C LYS A 97 18.24 -1.16 0.48
N GLY A 98 18.47 0.09 0.98
CA GLY A 98 19.59 0.92 0.58
C GLY A 98 19.22 2.01 -0.40
N TYR A 99 17.96 1.98 -0.91
CA TYR A 99 17.55 2.79 -2.03
C TYR A 99 16.30 3.64 -1.75
N GLY A 100 16.30 4.86 -2.32
CA GLY A 100 15.13 5.71 -2.38
C GLY A 100 14.56 6.00 -1.01
N GLU A 101 13.26 5.74 -0.83
CA GLU A 101 12.60 5.95 0.43
C GLU A 101 12.71 4.76 1.39
N SER A 102 13.40 3.66 1.03
CA SER A 102 13.64 2.57 1.95
C SER A 102 14.83 2.93 2.85
N SER A 103 14.89 2.28 4.01
CA SER A 103 15.99 2.50 4.92
C SER A 103 17.30 2.12 4.25
N ALA A 104 18.40 2.74 4.69
CA ALA A 104 19.73 2.50 4.15
C ALA A 104 20.74 2.53 5.30
N PRO A 105 20.76 1.50 6.16
CA PRO A 105 21.75 1.40 7.23
C PRO A 105 23.13 1.27 6.61
N PRO A 106 24.18 1.76 7.29
CA PRO A 106 25.50 1.75 6.71
C PRO A 106 26.26 0.42 6.76
N GLU A 107 25.88 -0.49 7.67
CA GLU A 107 26.58 -1.74 7.92
C GLU A 107 26.55 -2.65 6.70
N ILE A 108 27.71 -3.16 6.31
CA ILE A 108 27.80 -4.04 5.15
C ILE A 108 26.89 -5.25 5.29
N GLU A 109 26.87 -5.88 6.46
CA GLU A 109 26.25 -7.20 6.62
C GLU A 109 24.73 -7.05 6.56
N GLU A 110 24.22 -5.83 6.67
CA GLU A 110 22.77 -5.62 6.50
C GLU A 110 22.31 -5.93 5.07
N TYR A 111 23.22 -6.10 4.13
CA TYR A 111 22.91 -6.26 2.72
C TYR A 111 23.33 -7.63 2.21
N CYS A 112 23.59 -8.60 3.08
CA CYS A 112 23.78 -9.96 2.61
C CYS A 112 22.44 -10.58 2.23
N MET A 113 22.51 -11.56 1.34
CA MET A 113 21.28 -12.16 0.79
C MET A 113 20.45 -12.79 1.88
N GLU A 114 21.06 -13.36 2.92
CA GLU A 114 20.28 -14.00 3.98
C GLU A 114 19.41 -12.97 4.68
N VAL A 115 19.97 -11.81 5.04
CA VAL A 115 19.25 -10.75 5.71
C VAL A 115 18.18 -10.18 4.76
N LEU A 116 18.55 -9.97 3.51
CA LEU A 116 17.62 -9.32 2.60
C LEU A 116 16.43 -10.22 2.34
N CYS A 117 16.65 -11.51 2.16
CA CYS A 117 15.57 -12.47 1.91
C CYS A 117 14.63 -12.59 3.10
N LYS A 118 15.18 -12.67 4.31
CA LYS A 118 14.35 -12.74 5.50
C LYS A 118 13.50 -11.48 5.67
N GLU A 119 14.03 -10.31 5.33
CA GLU A 119 13.25 -9.07 5.35
C GLU A 119 12.11 -9.10 4.34
N MET A 120 12.31 -9.73 3.15
CA MET A 120 11.21 -9.81 2.20
C MET A 120 10.13 -10.76 2.70
N VAL A 121 10.51 -11.84 3.39
CA VAL A 121 9.52 -12.71 4.00
C VAL A 121 8.69 -11.96 5.03
N THR A 122 9.35 -11.15 5.91
CA THR A 122 8.62 -10.37 6.89
C THR A 122 7.73 -9.34 6.19
N PHE A 123 8.20 -8.76 5.08
CA PHE A 123 7.38 -7.85 4.30
C PHE A 123 6.06 -8.49 3.88
N LEU A 124 6.12 -9.67 3.30
CA LEU A 124 4.91 -10.39 2.95
C LEU A 124 4.03 -10.66 4.19
N ASP A 125 4.65 -11.08 5.29
CA ASP A 125 3.90 -11.35 6.50
C ASP A 125 3.10 -10.12 6.96
N LYS A 126 3.75 -8.95 6.99
CA LYS A 126 3.09 -7.75 7.49
CA LYS A 126 3.15 -7.70 7.45
C LYS A 126 1.99 -7.29 6.54
N LEU A 127 2.14 -7.52 5.21
CA LEU A 127 1.11 -7.22 4.23
C LEU A 127 -0.03 -8.23 4.21
N GLY A 128 0.19 -9.37 4.90
CA GLY A 128 -0.79 -10.43 4.95
C GLY A 128 -0.89 -11.20 3.66
N LEU A 129 0.25 -11.38 2.96
CA LEU A 129 0.32 -12.11 1.70
C LEU A 129 0.92 -13.49 1.95
N SER A 130 0.18 -14.57 1.68
N SER A 130 0.19 -14.56 1.67
CA SER A 130 0.73 -15.91 1.83
CA SER A 130 0.71 -15.92 1.81
C SER A 130 1.85 -16.19 0.84
C SER A 130 1.85 -16.18 0.84
N GLN A 131 1.73 -15.63 -0.37
CA GLN A 131 2.78 -15.74 -1.35
CA GLN A 131 2.72 -15.81 -1.41
C GLN A 131 2.70 -14.57 -2.32
N ALA A 132 3.74 -14.40 -3.10
CA ALA A 132 3.74 -13.45 -4.21
C ALA A 132 4.57 -14.03 -5.34
N VAL A 133 4.30 -13.60 -6.57
CA VAL A 133 5.23 -13.78 -7.66
C VAL A 133 6.39 -12.80 -7.47
N PHE A 134 7.62 -13.29 -7.61
CA PHE A 134 8.77 -12.41 -7.50
C PHE A 134 9.46 -12.30 -8.87
N ILE A 135 9.67 -11.06 -9.32
CA ILE A 135 10.31 -10.76 -10.58
C ILE A 135 11.46 -9.81 -10.28
N GLY A 136 12.67 -10.19 -10.65
CA GLY A 136 13.83 -9.38 -10.35
C GLY A 136 14.69 -9.11 -11.57
N HIS A 137 15.53 -8.09 -11.45
CA HIS A 137 16.54 -7.81 -12.46
C HIS A 137 17.88 -7.55 -11.76
N ASP A 138 18.99 -8.03 -12.34
CA ASP A 138 20.32 -7.72 -11.77
C ASP A 138 20.42 -8.23 -10.32
N TRP A 139 20.85 -7.41 -9.35
CA TRP A 139 20.89 -7.84 -7.96
C TRP A 139 19.52 -8.23 -7.45
N GLY A 140 18.46 -7.59 -7.97
CA GLY A 140 17.12 -8.03 -7.55
C GLY A 140 16.80 -9.42 -8.11
N GLY A 141 17.33 -9.75 -9.29
CA GLY A 141 17.23 -11.10 -9.83
C GLY A 141 17.93 -12.11 -8.95
N MET A 142 19.12 -11.79 -8.45
CA MET A 142 19.78 -12.68 -7.51
C MET A 142 18.92 -12.89 -6.27
N LEU A 143 18.29 -11.85 -5.72
N LEU A 143 18.37 -11.80 -5.74
CA LEU A 143 17.50 -12.00 -4.53
CA LEU A 143 17.49 -11.84 -4.60
C LEU A 143 16.24 -12.84 -4.77
C LEU A 143 16.40 -12.88 -4.85
N VAL A 144 15.63 -12.69 -5.96
CA VAL A 144 14.45 -13.53 -6.19
C VAL A 144 14.83 -15.01 -6.38
N TRP A 145 15.98 -15.35 -6.94
CA TRP A 145 16.41 -16.74 -7.01
C TRP A 145 16.62 -17.32 -5.61
N TYR A 146 17.24 -16.56 -4.71
CA TYR A 146 17.43 -17.08 -3.36
CA TYR A 146 17.46 -17.00 -3.33
C TYR A 146 16.12 -17.15 -2.60
N MET A 147 15.18 -16.25 -2.86
CA MET A 147 13.81 -16.38 -2.31
C MET A 147 13.16 -17.69 -2.76
N ALA A 148 13.28 -18.00 -4.04
CA ALA A 148 12.70 -19.21 -4.59
C ALA A 148 13.41 -20.44 -4.02
N LEU A 149 14.71 -20.36 -3.81
CA LEU A 149 15.50 -21.48 -3.31
C LEU A 149 15.15 -21.79 -1.85
N PHE A 150 15.12 -20.77 -1.00
CA PHE A 150 15.04 -20.94 0.46
C PHE A 150 13.62 -20.76 1.01
N TYR A 151 12.73 -20.02 0.30
CA TYR A 151 11.38 -19.73 0.74
C TYR A 151 10.39 -20.06 -0.36
N PRO A 152 10.47 -21.23 -1.01
CA PRO A 152 9.53 -21.53 -2.09
C PRO A 152 8.07 -21.48 -1.68
N GLU A 153 7.76 -21.79 -0.42
CA GLU A 153 6.38 -21.77 0.03
C GLU A 153 5.79 -20.36 0.03
N ARG A 154 6.64 -19.34 -0.09
CA ARG A 154 6.19 -17.93 -0.12
C ARG A 154 6.26 -17.34 -1.54
N VAL A 155 6.78 -18.11 -2.46
CA VAL A 155 7.06 -17.63 -3.81
C VAL A 155 6.15 -18.39 -4.77
N ARG A 156 5.16 -17.73 -5.35
N ARG A 156 5.13 -17.73 -5.30
CA ARG A 156 4.20 -18.43 -6.20
CA ARG A 156 4.17 -18.34 -6.22
C ARG A 156 4.79 -18.82 -7.56
C ARG A 156 4.90 -18.88 -7.45
N ALA A 157 5.74 -17.98 -8.00
CA ALA A 157 6.50 -18.22 -9.22
C ALA A 157 7.60 -17.17 -9.23
N VAL A 158 8.71 -17.45 -9.92
CA VAL A 158 9.88 -16.59 -9.91
C VAL A 158 10.31 -16.29 -11.35
N ALA A 159 10.66 -15.02 -11.62
CA ALA A 159 11.27 -14.67 -12.91
C ALA A 159 12.46 -13.77 -12.71
N SER A 160 13.51 -13.98 -13.52
CA SER A 160 14.69 -13.13 -13.49
C SER A 160 14.96 -12.57 -14.88
N LEU A 161 15.22 -11.25 -14.93
CA LEU A 161 15.78 -10.57 -16.11
C LEU A 161 17.30 -10.52 -15.97
N ASN A 162 18.01 -11.20 -16.88
CA ASN A 162 19.46 -11.12 -17.07
C ASN A 162 20.25 -11.99 -16.09
N THR A 163 19.91 -11.97 -14.79
CA THR A 163 20.70 -12.65 -13.77
C THR A 163 20.39 -14.14 -13.78
N PRO A 164 21.40 -15.01 -14.01
CA PRO A 164 21.20 -16.46 -13.99
C PRO A 164 21.20 -16.98 -12.55
N PHE A 165 20.80 -18.24 -12.42
CA PHE A 165 20.90 -18.98 -11.14
C PHE A 165 21.98 -20.01 -11.34
N ILE A 166 23.12 -19.80 -10.64
N ILE A 166 23.15 -19.83 -10.70
CA ILE A 166 24.32 -20.62 -10.64
CA ILE A 166 24.22 -20.80 -10.79
C ILE A 166 24.44 -21.26 -9.26
C ILE A 166 24.54 -21.28 -9.38
N PRO A 167 24.40 -22.59 -9.09
CA PRO A 167 24.64 -23.17 -7.77
C PRO A 167 26.02 -22.82 -7.24
N ALA A 168 26.09 -22.61 -5.94
CA ALA A 168 27.35 -22.38 -5.26
C ALA A 168 28.21 -23.65 -5.39
N ASN A 169 29.51 -23.36 -5.56
CA ASN A 169 30.56 -24.36 -5.62
C ASN A 169 31.31 -24.31 -4.28
N PRO A 170 31.04 -25.26 -3.39
CA PRO A 170 31.61 -25.22 -2.05
C PRO A 170 33.11 -25.48 -2.03
N ASN A 171 33.75 -25.71 -3.18
CA ASN A 171 35.20 -25.87 -3.25
C ASN A 171 35.81 -24.80 -4.15
N MET A 172 35.16 -23.64 -4.28
CA MET A 172 35.77 -22.49 -4.94
C MET A 172 35.38 -21.23 -4.17
N SER A 173 36.36 -20.39 -3.82
CA SER A 173 36.09 -19.16 -3.09
C SER A 173 35.50 -18.13 -4.04
N PRO A 174 34.59 -17.25 -3.57
CA PRO A 174 34.10 -16.15 -4.41
C PRO A 174 35.19 -15.28 -5.02
N LEU A 175 36.30 -15.07 -4.29
CA LEU A 175 37.40 -14.24 -4.79
C LEU A 175 37.92 -14.85 -6.10
N GLU A 176 38.08 -16.17 -6.08
CA GLU A 176 38.59 -16.93 -7.21
C GLU A 176 37.65 -16.89 -8.41
N SER A 177 36.34 -17.06 -8.17
CA SER A 177 35.33 -16.99 -9.23
C SER A 177 35.35 -15.61 -9.88
N ILE A 178 35.32 -14.55 -9.05
CA ILE A 178 35.28 -13.19 -9.57
C ILE A 178 36.53 -12.95 -10.40
N LYS A 179 37.70 -13.31 -9.84
CA LYS A 179 39.00 -13.07 -10.48
C LYS A 179 39.14 -13.91 -11.75
N ALA A 180 38.36 -15.00 -11.87
CA ALA A 180 38.40 -15.87 -13.04
C ALA A 180 37.69 -15.28 -14.25
N ASN A 181 36.91 -14.20 -14.07
CA ASN A 181 36.16 -13.66 -15.18
C ASN A 181 36.44 -12.15 -15.28
N PRO A 182 37.24 -11.72 -16.30
CA PRO A 182 37.61 -10.31 -16.44
C PRO A 182 36.49 -9.27 -16.40
N VAL A 183 35.28 -9.62 -16.90
CA VAL A 183 34.17 -8.67 -16.97
C VAL A 183 33.66 -8.37 -15.56
N PHE A 184 34.08 -9.15 -14.54
CA PHE A 184 33.67 -8.95 -13.16
C PHE A 184 34.71 -8.14 -12.36
N ASP A 185 35.70 -7.50 -13.02
CA ASP A 185 36.69 -6.67 -12.32
C ASP A 185 36.06 -5.52 -11.52
N TYR A 186 35.03 -4.87 -12.07
CA TYR A 186 34.44 -3.70 -11.44
C TYR A 186 33.96 -4.07 -10.04
N GLN A 187 33.64 -5.36 -9.83
CA GLN A 187 33.18 -5.87 -8.55
C GLN A 187 34.31 -5.81 -7.52
N LEU A 188 35.57 -5.99 -7.93
CA LEU A 188 36.68 -5.80 -7.01
C LEU A 188 36.78 -4.31 -6.65
N TYR A 189 36.59 -3.43 -7.62
CA TYR A 189 36.71 -2.00 -7.39
C TYR A 189 35.66 -1.54 -6.36
N PHE A 190 34.50 -2.17 -6.38
CA PHE A 190 33.42 -1.83 -5.47
C PHE A 190 33.63 -2.32 -4.05
N GLN A 191 34.67 -3.12 -3.75
CA GLN A 191 34.81 -3.75 -2.47
C GLN A 191 35.18 -2.77 -1.34
N GLU A 192 36.17 -1.89 -1.56
CA GLU A 192 36.71 -1.12 -0.44
C GLU A 192 35.73 0.00 -0.06
N PRO A 193 35.14 0.02 1.15
CA PRO A 193 34.13 1.02 1.48
C PRO A 193 34.68 2.43 1.36
N GLY A 194 33.91 3.25 0.64
CA GLY A 194 34.16 4.66 0.45
C GLY A 194 34.72 5.03 -0.92
N VAL A 195 35.40 4.09 -1.59
CA VAL A 195 36.13 4.41 -2.81
C VAL A 195 35.20 4.66 -3.99
N ALA A 196 34.39 3.65 -4.33
CA ALA A 196 33.45 3.83 -5.43
C ALA A 196 32.36 4.83 -5.05
N GLU A 197 32.04 4.93 -3.76
CA GLU A 197 31.07 5.92 -3.36
C GLU A 197 31.49 7.33 -3.76
N ALA A 198 32.76 7.67 -3.50
CA ALA A 198 33.24 8.99 -3.82
C ALA A 198 33.15 9.28 -5.31
N GLU A 199 33.42 8.27 -6.16
CA GLU A 199 33.34 8.46 -7.60
C GLU A 199 31.88 8.66 -8.05
N LEU A 200 30.99 7.82 -7.53
CA LEU A 200 29.60 7.79 -8.02
C LEU A 200 28.78 8.97 -7.50
N GLU A 201 29.16 9.54 -6.34
CA GLU A 201 28.45 10.65 -5.70
C GLU A 201 28.96 12.03 -6.15
N GLN A 202 30.09 12.06 -6.85
CA GLN A 202 30.75 13.30 -7.20
C GLN A 202 29.82 14.17 -8.04
N ASN A 203 29.14 13.58 -9.03
CA ASN A 203 28.24 14.26 -9.91
C ASN A 203 27.15 13.25 -10.31
N LEU A 204 26.00 13.33 -9.65
CA LEU A 204 24.98 12.29 -9.84
C LEU A 204 24.43 12.26 -11.26
N SER A 205 24.18 13.40 -11.90
N SER A 205 24.25 13.42 -11.90
CA SER A 205 23.74 13.45 -13.28
CA SER A 205 23.74 13.55 -13.26
C SER A 205 24.73 12.66 -14.15
C SER A 205 24.69 12.85 -14.24
N ARG A 206 26.01 13.00 -14.01
CA ARG A 206 27.02 12.32 -14.81
C ARG A 206 27.02 10.81 -14.57
N THR A 207 26.85 10.40 -13.32
CA THR A 207 26.79 8.99 -12.98
C THR A 207 25.65 8.32 -13.72
N PHE A 208 24.44 8.86 -13.66
CA PHE A 208 23.31 8.16 -14.27
C PHE A 208 23.35 8.27 -15.78
N LYS A 209 23.80 9.38 -16.32
CA LYS A 209 23.83 9.51 -17.77
C LYS A 209 24.93 8.62 -18.36
N SER A 210 26.01 8.37 -17.62
CA SER A 210 27.07 7.46 -18.03
C SER A 210 26.65 5.99 -17.96
N LEU A 211 25.86 5.63 -16.92
CA LEU A 211 25.46 4.24 -16.75
C LEU A 211 24.28 3.85 -17.63
N PHE A 212 23.26 4.68 -17.73
CA PHE A 212 22.00 4.27 -18.33
C PHE A 212 22.05 4.55 -19.84
N ARG A 213 22.65 3.59 -20.57
CA ARG A 213 22.91 3.71 -21.98
C ARG A 213 22.66 2.36 -22.64
N ALA A 214 22.25 2.42 -23.91
CA ALA A 214 22.13 1.22 -24.72
C ALA A 214 23.53 0.69 -24.97
N SER A 215 23.57 -0.58 -25.39
N SER A 215 23.65 -0.61 -25.27
CA SER A 215 24.82 -1.32 -25.53
CA SER A 215 24.98 -1.18 -25.38
C SER A 215 25.79 -0.68 -26.52
C SER A 215 25.84 -0.48 -26.44
N ASP A 216 25.22 -0.09 -27.57
CA ASP A 216 25.96 0.55 -28.64
C ASP A 216 26.37 1.96 -28.26
N GLU A 217 25.79 2.54 -27.17
CA GLU A 217 26.08 3.88 -26.70
C GLU A 217 27.05 3.87 -25.51
N SER A 218 27.61 2.73 -25.13
CA SER A 218 28.41 2.59 -23.93
C SER A 218 29.61 3.53 -23.94
N VAL A 219 29.87 4.14 -22.78
CA VAL A 219 31.05 4.98 -22.54
C VAL A 219 31.95 4.32 -21.49
N LEU A 220 31.62 3.09 -21.05
CA LEU A 220 32.36 2.37 -20.00
C LEU A 220 33.00 1.13 -20.63
N SER A 221 34.24 0.81 -20.23
CA SER A 221 34.86 -0.40 -20.72
C SER A 221 34.73 -1.53 -19.71
N MET A 222 34.71 -1.19 -18.41
CA MET A 222 34.67 -2.18 -17.33
C MET A 222 35.81 -3.20 -17.44
N HIS A 223 36.89 -2.83 -18.13
CA HIS A 223 38.09 -3.65 -18.21
C HIS A 223 39.12 -2.98 -17.32
N LYS A 224 39.80 -3.78 -16.48
CA LYS A 224 40.83 -3.27 -15.59
C LYS A 224 40.36 -1.93 -15.01
N VAL A 225 39.15 -1.90 -14.45
CA VAL A 225 38.69 -0.64 -13.86
CA VAL A 225 38.60 -0.73 -13.76
C VAL A 225 39.51 -0.37 -12.60
N CYS A 226 39.83 -1.43 -11.84
N CYS A 226 39.94 -1.39 -11.87
CA CYS A 226 40.71 -1.35 -10.67
CA CYS A 226 40.71 -1.13 -10.66
C CYS A 226 42.01 -0.64 -11.07
C CYS A 226 42.08 -0.58 -11.07
N GLU A 227 42.68 -1.18 -12.10
CA GLU A 227 43.93 -0.66 -12.66
C GLU A 227 43.76 0.81 -13.04
N ALA A 228 42.67 1.16 -13.74
CA ALA A 228 42.47 2.51 -14.27
C ALA A 228 42.13 3.51 -13.17
N GLY A 229 41.60 3.03 -12.04
CA GLY A 229 41.33 3.87 -10.88
C GLY A 229 39.90 4.40 -10.81
N GLY A 230 38.94 3.71 -11.44
CA GLY A 230 37.55 4.11 -11.37
C GLY A 230 36.73 3.70 -12.60
N LEU A 231 35.41 3.94 -12.53
CA LEU A 231 34.51 3.59 -13.61
C LEU A 231 34.55 4.63 -14.71
N PHE A 232 34.72 5.91 -14.36
CA PHE A 232 34.43 7.01 -15.24
C PHE A 232 35.69 7.79 -15.61
N VAL A 233 36.86 7.27 -15.21
CA VAL A 233 38.12 7.99 -15.38
C VAL A 233 38.33 8.28 -16.87
N ASN A 234 37.89 7.35 -17.75
CA ASN A 234 38.08 7.52 -19.19
C ASN A 234 36.76 7.75 -19.92
N SER A 235 35.76 8.35 -19.24
N SER A 235 35.75 8.33 -19.27
CA SER A 235 34.45 8.61 -19.81
CA SER A 235 34.50 8.60 -19.95
C SER A 235 34.24 10.12 -19.91
C SER A 235 34.23 10.09 -19.90
N PRO A 236 33.35 10.63 -20.79
CA PRO A 236 33.11 12.07 -20.86
C PRO A 236 32.70 12.74 -19.56
N GLU A 237 33.11 14.01 -19.38
CA GLU A 237 32.72 14.79 -18.21
C GLU A 237 31.26 15.22 -18.32
N GLU A 238 30.79 15.45 -19.55
CA GLU A 238 29.42 15.86 -19.86
C GLU A 238 28.86 14.87 -20.89
N PRO A 239 28.43 13.68 -20.44
CA PRO A 239 27.90 12.69 -21.39
C PRO A 239 26.60 13.15 -22.02
N SER A 240 26.36 12.71 -23.27
CA SER A 240 25.10 12.93 -23.93
C SER A 240 24.04 12.08 -23.24
N LEU A 241 22.77 12.41 -23.50
CA LEU A 241 21.67 11.62 -23.00
C LEU A 241 21.45 10.43 -23.94
N SER A 242 21.39 9.23 -23.37
CA SER A 242 20.99 8.03 -24.10
C SER A 242 19.62 8.18 -24.74
N ARG A 243 19.46 7.54 -25.90
CA ARG A 243 18.16 7.41 -26.53
C ARG A 243 17.13 6.73 -25.62
N MET A 244 17.57 6.02 -24.56
CA MET A 244 16.65 5.25 -23.75
C MET A 244 15.93 6.09 -22.70
N VAL A 245 16.43 7.29 -22.36
CA VAL A 245 15.98 8.02 -21.18
C VAL A 245 15.85 9.51 -21.51
N THR A 246 14.95 10.20 -20.78
CA THR A 246 14.85 11.66 -20.84
C THR A 246 15.63 12.31 -19.71
N GLU A 247 15.87 13.63 -19.82
CA GLU A 247 16.50 14.40 -18.78
C GLU A 247 15.68 14.35 -17.50
N GLU A 248 14.35 14.40 -17.65
CA GLU A 248 13.48 14.35 -16.47
C GLU A 248 13.65 13.02 -15.73
N GLU A 249 13.70 11.93 -16.49
CA GLU A 249 13.95 10.62 -15.89
C GLU A 249 15.26 10.56 -15.14
N ILE A 250 16.35 11.02 -15.77
CA ILE A 250 17.62 11.05 -15.10
C ILE A 250 17.54 11.84 -13.78
N GLN A 251 16.87 12.99 -13.83
CA GLN A 251 16.77 13.84 -12.67
C GLN A 251 15.97 13.17 -11.54
N PHE A 252 15.05 12.24 -11.85
CA PHE A 252 14.35 11.48 -10.79
C PHE A 252 15.37 10.62 -10.04
N TYR A 253 16.23 9.92 -10.80
CA TYR A 253 17.28 9.14 -10.16
C TYR A 253 18.20 10.00 -9.29
N VAL A 254 18.64 11.16 -9.82
CA VAL A 254 19.46 12.09 -9.08
C VAL A 254 18.83 12.41 -7.72
N GLN A 255 17.57 12.82 -7.76
CA GLN A 255 16.89 13.20 -6.53
C GLN A 255 16.81 12.03 -5.54
N GLN A 256 16.56 10.81 -6.03
CA GLN A 256 16.48 9.65 -5.15
C GLN A 256 17.82 9.36 -4.45
N PHE A 257 18.94 9.46 -5.19
CA PHE A 257 20.23 9.11 -4.62
C PHE A 257 20.81 10.25 -3.77
N LYS A 258 20.18 11.43 -3.75
CA LYS A 258 20.55 12.43 -2.75
C LYS A 258 20.14 12.01 -1.33
N LYS A 259 19.18 11.08 -1.17
CA LYS A 259 18.69 10.72 0.15
C LYS A 259 19.75 9.96 0.96
N SER A 260 20.35 8.90 0.38
CA SER A 260 21.25 8.03 1.11
C SER A 260 22.58 7.80 0.39
N GLY A 261 22.68 8.19 -0.91
CA GLY A 261 23.91 7.99 -1.64
C GLY A 261 24.11 6.54 -2.08
N PHE A 262 25.38 6.15 -2.26
CA PHE A 262 25.70 4.86 -2.86
C PHE A 262 26.24 3.82 -1.88
N ARG A 263 26.42 4.08 -0.56
CA ARG A 263 26.96 3.08 0.34
C ARG A 263 26.05 1.85 0.41
N GLY A 264 24.76 2.06 0.71
CA GLY A 264 23.87 0.91 0.83
C GLY A 264 23.83 0.10 -0.47
N PRO A 265 23.58 0.78 -1.61
CA PRO A 265 23.62 0.12 -2.90
C PRO A 265 24.87 -0.72 -3.09
N LEU A 266 26.06 -0.11 -2.91
CA LEU A 266 27.31 -0.82 -3.10
C LEU A 266 27.49 -2.00 -2.14
N ASN A 267 26.93 -1.87 -0.93
CA ASN A 267 27.02 -2.92 0.08
C ASN A 267 26.44 -4.25 -0.43
N TRP A 268 25.54 -4.20 -1.44
CA TRP A 268 25.02 -5.42 -2.05
C TRP A 268 26.14 -6.29 -2.61
N TYR A 269 27.23 -5.64 -3.03
CA TYR A 269 28.38 -6.32 -3.65
C TYR A 269 29.45 -6.74 -2.63
N ARG A 270 29.28 -6.37 -1.38
CA ARG A 270 30.35 -6.52 -0.37
C ARG A 270 30.10 -7.69 0.58
N ASN A 271 29.26 -8.67 0.18
CA ASN A 271 28.91 -9.84 0.98
C ASN A 271 29.19 -11.14 0.23
N MET A 272 30.23 -11.19 -0.61
CA MET A 272 30.41 -12.33 -1.51
C MET A 272 30.66 -13.61 -0.71
N GLU A 273 31.51 -13.53 0.32
CA GLU A 273 31.82 -14.73 1.10
C GLU A 273 30.59 -15.21 1.88
N ARG A 274 29.90 -14.28 2.56
N ARG A 274 29.90 -14.26 2.51
CA ARG A 274 28.75 -14.61 3.37
CA ARG A 274 28.77 -14.53 3.37
C ARG A 274 27.68 -15.23 2.49
C ARG A 274 27.62 -15.12 2.55
N ASN A 275 27.44 -14.63 1.31
CA ASN A 275 26.41 -15.14 0.43
C ASN A 275 26.71 -16.55 -0.09
N TRP A 276 27.98 -16.81 -0.38
CA TRP A 276 28.42 -18.13 -0.79
C TRP A 276 28.23 -19.15 0.32
N LYS A 277 28.57 -18.79 1.56
CA LYS A 277 28.35 -19.73 2.68
C LYS A 277 26.87 -20.06 2.88
N TRP A 278 25.97 -19.07 2.75
CA TRP A 278 24.55 -19.33 2.87
C TRP A 278 24.09 -20.21 1.71
N ALA A 279 24.49 -19.85 0.48
CA ALA A 279 24.10 -20.63 -0.70
C ALA A 279 24.53 -22.10 -0.57
N CYS A 280 25.70 -22.35 0.01
CA CYS A 280 26.16 -23.72 0.16
C CYS A 280 25.24 -24.56 1.05
N LYS A 281 24.46 -23.93 1.94
CA LYS A 281 23.56 -24.68 2.80
C LYS A 281 22.32 -25.20 2.05
N SER A 282 22.12 -24.72 0.83
CA SER A 282 20.97 -25.18 0.08
C SER A 282 21.30 -26.58 -0.42
N LEU A 283 22.61 -26.78 -0.55
CA LEU A 283 23.14 -27.52 -1.68
C LEU A 283 22.48 -28.87 -1.62
N GLY A 284 22.26 -29.33 -2.84
CA GLY A 284 21.42 -30.46 -3.15
C GLY A 284 20.23 -29.93 -3.96
N ARG A 285 19.45 -29.08 -3.31
CA ARG A 285 18.03 -29.05 -3.62
C ARG A 285 17.85 -28.37 -4.95
N LYS A 286 16.70 -28.63 -5.54
CA LYS A 286 16.27 -27.96 -6.76
C LYS A 286 15.28 -26.87 -6.39
N ILE A 287 14.98 -26.00 -7.37
CA ILE A 287 13.88 -25.07 -7.28
C ILE A 287 12.75 -25.68 -8.08
N LEU A 288 11.67 -26.04 -7.39
CA LEU A 288 10.58 -26.78 -7.98
C LEU A 288 9.36 -25.95 -8.37
N ILE A 289 9.38 -24.64 -8.10
CA ILE A 289 8.27 -23.77 -8.45
C ILE A 289 8.34 -23.30 -9.91
N PRO A 290 7.28 -22.74 -10.48
CA PRO A 290 7.32 -22.19 -11.84
C PRO A 290 8.36 -21.07 -11.91
N ALA A 291 9.22 -21.09 -12.97
CA ALA A 291 10.33 -20.16 -13.06
C ALA A 291 10.51 -19.71 -14.50
N LEU A 292 10.97 -18.48 -14.67
CA LEU A 292 11.25 -17.90 -15.98
C LEU A 292 12.61 -17.21 -15.95
N MET A 293 13.45 -17.51 -16.93
CA MET A 293 14.76 -16.86 -17.09
C MET A 293 14.70 -16.08 -18.41
N VAL A 294 14.90 -14.78 -18.36
CA VAL A 294 14.91 -13.95 -19.55
C VAL A 294 16.33 -13.45 -19.76
N THR A 295 16.91 -13.78 -20.93
CA THR A 295 18.26 -13.34 -21.27
C THR A 295 18.20 -12.12 -22.22
N ALA A 296 19.26 -11.31 -22.20
CA ALA A 296 19.41 -10.07 -22.94
C ALA A 296 20.69 -10.21 -23.81
N GLU A 297 20.51 -10.22 -25.15
CA GLU A 297 21.59 -10.50 -26.07
C GLU A 297 22.83 -9.65 -25.86
N LYS A 298 22.65 -8.36 -25.55
CA LYS A 298 23.77 -7.41 -25.48
C LYS A 298 24.11 -6.99 -24.04
N ASP A 299 23.73 -7.79 -23.02
CA ASP A 299 24.29 -7.59 -21.70
C ASP A 299 25.64 -8.31 -21.71
N PHE A 300 26.73 -7.54 -21.66
CA PHE A 300 28.05 -8.12 -21.80
C PHE A 300 28.66 -8.47 -20.43
N VAL A 301 27.94 -8.25 -19.33
CA VAL A 301 28.31 -8.78 -18.03
C VAL A 301 27.52 -10.03 -17.65
N LEU A 302 26.19 -9.90 -17.64
CA LEU A 302 25.29 -11.01 -17.37
C LEU A 302 24.87 -11.60 -18.73
N VAL A 303 25.79 -12.39 -19.30
CA VAL A 303 25.69 -12.83 -20.66
C VAL A 303 24.71 -13.98 -20.75
N PRO A 304 23.96 -14.13 -21.86
CA PRO A 304 23.01 -15.25 -21.96
C PRO A 304 23.59 -16.62 -21.63
N GLN A 305 24.83 -16.86 -22.08
N GLN A 305 24.84 -16.90 -22.08
CA GLN A 305 25.44 -18.17 -21.93
CA GLN A 305 25.40 -18.22 -21.91
C GLN A 305 25.57 -18.55 -20.46
C GLN A 305 25.58 -18.56 -20.43
N MET A 306 25.60 -17.56 -19.55
CA MET A 306 25.75 -17.83 -18.14
C MET A 306 24.56 -18.62 -17.60
N SER A 307 23.42 -18.55 -18.30
CA SER A 307 22.22 -19.26 -17.89
C SER A 307 22.17 -20.71 -18.39
N GLN A 308 23.12 -21.14 -19.22
N GLN A 308 23.21 -21.16 -19.11
CA GLN A 308 23.01 -22.47 -19.82
CA GLN A 308 23.29 -22.50 -19.66
C GLN A 308 22.93 -23.51 -18.70
C GLN A 308 22.94 -23.54 -18.59
N HIS A 309 22.09 -24.51 -18.92
CA HIS A 309 21.93 -25.65 -18.03
C HIS A 309 21.25 -25.32 -16.70
N MET A 310 20.58 -24.16 -16.58
CA MET A 310 19.78 -23.90 -15.40
C MET A 310 18.70 -24.94 -15.22
N GLU A 311 18.23 -25.55 -16.31
CA GLU A 311 17.18 -26.55 -16.21
C GLU A 311 17.61 -27.75 -15.35
N ASP A 312 18.92 -27.98 -15.19
CA ASP A 312 19.42 -29.07 -14.35
C ASP A 312 19.01 -28.89 -12.89
N TRP A 313 18.81 -27.63 -12.45
CA TRP A 313 18.47 -27.30 -11.06
C TRP A 313 17.04 -26.79 -10.92
N ILE A 314 16.39 -26.45 -12.04
CA ILE A 314 15.08 -25.81 -12.03
C ILE A 314 14.19 -26.50 -13.06
N PRO A 315 13.57 -27.63 -12.70
CA PRO A 315 12.95 -28.47 -13.73
C PRO A 315 11.79 -27.82 -14.46
N HIS A 316 11.09 -26.85 -13.85
CA HIS A 316 9.98 -26.22 -14.53
C HIS A 316 10.36 -24.86 -15.12
N LEU A 317 11.61 -24.69 -15.52
CA LEU A 317 12.04 -23.43 -16.08
C LEU A 317 11.50 -23.22 -17.49
N LYS A 318 10.99 -22.01 -17.71
CA LYS A 318 10.67 -21.47 -19.03
C LYS A 318 11.62 -20.33 -19.35
N ARG A 319 11.79 -20.00 -20.62
CA ARG A 319 12.76 -18.99 -21.05
C ARG A 319 12.13 -17.96 -21.95
N GLY A 320 12.74 -16.77 -21.90
CA GLY A 320 12.60 -15.73 -22.88
C GLY A 320 13.99 -15.20 -23.24
N HIS A 321 14.03 -14.51 -24.40
CA HIS A 321 15.29 -13.94 -24.87
C HIS A 321 14.94 -12.69 -25.64
N ILE A 322 15.64 -11.60 -25.34
CA ILE A 322 15.39 -10.33 -25.98
C ILE A 322 16.63 -9.91 -26.78
N GLU A 323 16.43 -9.78 -28.08
CA GLU A 323 17.51 -9.38 -28.98
C GLU A 323 17.68 -7.88 -28.89
N ASP A 324 18.88 -7.39 -29.25
CA ASP A 324 19.10 -5.95 -29.32
C ASP A 324 18.90 -5.25 -27.97
N CYS A 325 19.16 -5.96 -26.90
CA CYS A 325 18.83 -5.52 -25.55
C CYS A 325 20.06 -5.64 -24.67
N GLY A 326 20.40 -4.53 -23.98
CA GLY A 326 21.56 -4.50 -23.13
C GLY A 326 21.21 -4.74 -21.67
N HIS A 327 22.00 -4.17 -20.76
CA HIS A 327 21.84 -4.49 -19.36
C HIS A 327 20.55 -3.92 -18.78
N TRP A 328 20.09 -2.79 -19.27
CA TRP A 328 18.99 -2.04 -18.67
C TRP A 328 17.65 -2.48 -19.30
N THR A 329 17.34 -3.77 -19.15
CA THR A 329 16.36 -4.46 -19.94
C THR A 329 15.01 -3.75 -19.98
N GLN A 330 14.53 -3.35 -18.79
CA GLN A 330 13.17 -2.80 -18.68
C GLN A 330 12.97 -1.52 -19.45
N MET A 331 14.02 -0.67 -19.61
CA MET A 331 13.86 0.56 -20.35
C MET A 331 14.41 0.47 -21.76
N ASP A 332 15.26 -0.56 -22.02
CA ASP A 332 15.79 -0.78 -23.36
C ASP A 332 14.69 -1.35 -24.25
N LYS A 333 14.01 -2.41 -23.78
CA LYS A 333 13.00 -3.13 -24.53
C LYS A 333 11.75 -3.35 -23.69
N PRO A 334 11.10 -2.25 -23.27
CA PRO A 334 9.93 -2.40 -22.39
C PRO A 334 8.78 -3.18 -22.99
N THR A 335 8.46 -2.96 -24.29
CA THR A 335 7.35 -3.67 -24.90
C THR A 335 7.60 -5.18 -24.87
N GLU A 336 8.83 -5.61 -25.16
CA GLU A 336 9.20 -7.00 -25.25
C GLU A 336 9.18 -7.61 -23.84
N VAL A 337 9.69 -6.89 -22.86
CA VAL A 337 9.63 -7.35 -21.47
C VAL A 337 8.18 -7.60 -21.07
N ASN A 338 7.32 -6.62 -21.33
CA ASN A 338 5.93 -6.73 -20.91
C ASN A 338 5.25 -7.92 -21.58
N GLN A 339 5.50 -8.14 -22.87
CA GLN A 339 4.89 -9.26 -23.58
C GLN A 339 5.32 -10.60 -22.99
N ILE A 340 6.62 -10.74 -22.71
CA ILE A 340 7.17 -11.94 -22.14
C ILE A 340 6.60 -12.22 -20.74
N LEU A 341 6.63 -11.20 -19.89
CA LEU A 341 6.15 -11.39 -18.51
C LEU A 341 4.65 -11.73 -18.48
N ILE A 342 3.85 -11.01 -19.28
CA ILE A 342 2.41 -11.22 -19.18
C ILE A 342 2.06 -12.61 -19.69
N LYS A 343 2.67 -13.05 -20.80
CA LYS A 343 2.42 -14.38 -21.35
C LYS A 343 2.75 -15.45 -20.32
N TRP A 344 3.91 -15.30 -19.64
CA TRP A 344 4.33 -16.24 -18.62
C TRP A 344 3.46 -16.18 -17.37
N LEU A 345 3.12 -15.01 -16.88
CA LEU A 345 2.26 -14.87 -15.71
C LEU A 345 0.91 -15.54 -15.94
N ASP A 346 0.37 -15.30 -17.12
CA ASP A 346 -0.96 -15.83 -17.45
C ASP A 346 -0.91 -17.34 -17.53
N SER A 347 0.16 -17.93 -18.06
CA SER A 347 0.23 -19.39 -18.16
C SER A 347 0.70 -20.07 -16.89
N ASP A 348 1.58 -19.43 -16.09
CA ASP A 348 2.34 -20.19 -15.09
C ASP A 348 2.16 -19.66 -13.67
N ALA A 349 1.68 -18.45 -13.52
CA ALA A 349 1.50 -17.88 -12.19
C ALA A 349 0.03 -17.68 -11.82
N ARG A 350 -0.82 -17.39 -12.81
CA ARG A 350 -2.21 -17.05 -12.56
C ARG A 350 -3.07 -18.30 -12.81
N PRO B 30 -13.02 -14.04 24.73
CA PRO B 30 -12.06 -14.13 23.63
C PRO B 30 -12.30 -13.11 22.51
N LEU B 31 -11.60 -11.98 22.56
CA LEU B 31 -11.73 -10.95 21.55
C LEU B 31 -11.00 -11.39 20.28
N PRO B 32 -11.48 -11.03 19.07
CA PRO B 32 -10.73 -11.29 17.85
C PRO B 32 -9.35 -10.66 17.92
N THR B 33 -8.41 -11.19 17.13
CA THR B 33 -7.13 -10.56 16.90
C THR B 33 -7.33 -9.08 16.58
N SER B 34 -6.47 -8.26 17.12
CA SER B 34 -6.47 -6.82 16.86
C SER B 34 -5.29 -6.47 15.98
N CYS B 35 -5.00 -5.18 15.86
CA CYS B 35 -3.90 -4.64 15.07
C CYS B 35 -2.92 -3.81 15.91
N ASN B 36 -1.62 -4.01 15.64
CA ASN B 36 -0.55 -3.19 16.17
C ASN B 36 -0.15 -2.18 15.08
N PRO B 37 -0.41 -0.87 15.22
CA PRO B 37 -0.05 0.09 14.16
C PRO B 37 1.29 -0.07 13.48
N SER B 38 2.32 -0.34 14.29
N SER B 38 2.33 -0.34 14.27
CA SER B 38 3.71 -0.44 13.84
CA SER B 38 3.69 -0.37 13.77
C SER B 38 3.93 -1.60 12.88
C SER B 38 3.96 -1.62 12.94
N ASP B 39 3.05 -2.60 12.99
CA ASP B 39 3.17 -3.86 12.25
C ASP B 39 2.32 -3.86 10.98
N MET B 40 1.63 -2.74 10.69
CA MET B 40 0.78 -2.66 9.50
C MET B 40 1.55 -2.08 8.31
N SER B 41 1.05 -2.40 7.10
CA SER B 41 1.48 -1.67 5.90
C SER B 41 0.65 -0.38 5.86
N HIS B 42 1.35 0.74 5.72
CA HIS B 42 0.73 2.06 5.66
C HIS B 42 0.87 2.64 4.27
N GLY B 43 -0.27 3.01 3.68
CA GLY B 43 -0.35 3.53 2.33
C GLY B 43 -0.74 4.99 2.32
N TYR B 44 -0.32 5.68 1.25
CA TYR B 44 -0.56 7.10 1.09
C TYR B 44 -0.85 7.36 -0.39
N VAL B 45 -1.98 8.01 -0.69
CA VAL B 45 -2.40 8.36 -2.05
C VAL B 45 -2.72 9.85 -2.05
N THR B 46 -2.09 10.64 -2.94
CA THR B 46 -2.46 12.05 -3.12
C THR B 46 -3.60 12.12 -4.12
N VAL B 47 -4.80 12.52 -3.69
CA VAL B 47 -5.94 12.53 -4.57
C VAL B 47 -6.08 13.90 -5.23
N LYS B 48 -5.50 14.91 -4.58
CA LYS B 48 -5.40 16.27 -5.09
C LYS B 48 -4.19 16.95 -4.47
N PRO B 49 -3.66 18.08 -4.99
CA PRO B 49 -2.47 18.67 -4.36
C PRO B 49 -2.52 18.95 -2.87
N ARG B 50 -3.70 19.30 -2.33
CA ARG B 50 -3.81 19.60 -0.92
C ARG B 50 -4.32 18.41 -0.10
N VAL B 51 -4.60 17.26 -0.77
CA VAL B 51 -5.26 16.17 -0.04
C VAL B 51 -4.57 14.83 -0.32
N ARG B 52 -3.94 14.31 0.75
CA ARG B 52 -3.39 12.95 0.72
C ARG B 52 -4.13 12.10 1.75
N LEU B 53 -4.58 10.92 1.31
CA LEU B 53 -5.27 9.98 2.17
C LEU B 53 -4.32 8.85 2.58
N HIS B 54 -4.37 8.55 3.87
CA HIS B 54 -3.65 7.45 4.48
C HIS B 54 -4.60 6.28 4.76
N PHE B 55 -4.08 5.06 4.59
CA PHE B 55 -4.83 3.83 4.89
C PHE B 55 -3.82 2.76 5.33
N VAL B 56 -4.36 1.76 6.04
CA VAL B 56 -3.61 0.53 6.25
C VAL B 56 -4.18 -0.56 5.34
N GLU B 57 -3.33 -1.52 4.97
CA GLU B 57 -3.71 -2.55 4.04
C GLU B 57 -3.24 -3.92 4.51
N LEU B 58 -4.14 -4.90 4.50
CA LEU B 58 -3.81 -6.25 4.95
C LEU B 58 -4.61 -7.24 4.12
N GLY B 59 -3.94 -8.32 3.63
CA GLY B 59 -4.63 -9.40 2.99
C GLY B 59 -4.55 -9.38 1.47
N SER B 60 -4.99 -10.51 0.89
CA SER B 60 -5.19 -10.67 -0.54
C SER B 60 -6.63 -11.06 -0.85
N GLY B 61 -7.09 -10.74 -2.06
CA GLY B 61 -8.43 -11.09 -2.48
C GLY B 61 -9.19 -9.85 -2.91
N PRO B 62 -10.52 -9.93 -3.05
CA PRO B 62 -11.33 -8.79 -3.48
C PRO B 62 -11.06 -7.63 -2.51
N ALA B 63 -11.00 -6.40 -3.04
CA ALA B 63 -10.70 -5.22 -2.24
C ALA B 63 -11.95 -4.83 -1.43
N VAL B 64 -11.69 -4.57 -0.14
CA VAL B 64 -12.74 -4.15 0.80
C VAL B 64 -12.24 -2.88 1.47
N CYS B 65 -12.97 -1.77 1.31
N CYS B 65 -12.94 -1.77 1.23
CA CYS B 65 -12.53 -0.49 1.86
CA CYS B 65 -12.63 -0.49 1.86
C CYS B 65 -13.41 -0.11 3.04
C CYS B 65 -13.46 -0.35 3.13
N LEU B 66 -12.78 0.05 4.21
CA LEU B 66 -13.45 0.34 5.49
C LEU B 66 -13.37 1.83 5.78
N CYS B 67 -14.54 2.42 6.09
CA CYS B 67 -14.69 3.86 6.22
C CYS B 67 -15.32 4.19 7.60
N HIS B 68 -14.52 4.73 8.51
CA HIS B 68 -14.93 5.01 9.90
C HIS B 68 -15.78 6.28 10.01
N GLY B 69 -16.32 6.46 11.24
CA GLY B 69 -17.17 7.57 11.58
C GLY B 69 -16.50 8.61 12.45
N PHE B 70 -17.39 9.43 13.05
CA PHE B 70 -16.91 10.55 13.85
C PHE B 70 -16.92 10.18 15.31
N PRO B 71 -15.90 10.50 16.12
CA PRO B 71 -14.58 10.99 15.72
C PRO B 71 -13.55 9.88 15.91
N GLU B 72 -13.36 9.09 14.81
CA GLU B 72 -12.65 7.82 14.93
C GLU B 72 -11.37 7.80 14.08
N SER B 73 -11.03 6.61 13.53
CA SER B 73 -9.69 6.34 12.99
C SER B 73 -9.79 5.04 12.21
N TRP B 74 -8.84 4.80 11.33
CA TRP B 74 -8.70 3.46 10.78
C TRP B 74 -8.72 2.41 11.91
N TYR B 75 -8.15 2.77 13.06
CA TYR B 75 -7.95 1.85 14.19
C TYR B 75 -9.27 1.40 14.81
N SER B 76 -10.38 2.11 14.53
CA SER B 76 -11.71 1.67 14.95
C SER B 76 -12.09 0.31 14.35
N TRP B 77 -11.43 -0.08 13.24
CA TRP B 77 -11.65 -1.36 12.57
C TRP B 77 -10.62 -2.41 12.99
N ARG B 78 -9.86 -2.19 14.05
CA ARG B 78 -8.78 -3.05 14.53
C ARG B 78 -9.19 -4.52 14.65
N TYR B 79 -10.42 -4.79 15.07
CA TYR B 79 -10.87 -6.18 15.24
C TYR B 79 -11.42 -6.78 13.96
N GLN B 80 -11.72 -5.95 12.96
CA GLN B 80 -12.22 -6.42 11.68
C GLN B 80 -11.10 -6.69 10.68
N ILE B 81 -10.03 -5.92 10.73
CA ILE B 81 -9.02 -5.99 9.67
C ILE B 81 -8.40 -7.38 9.62
N PRO B 82 -7.93 -7.98 10.73
CA PRO B 82 -7.32 -9.32 10.65
C PRO B 82 -8.33 -10.38 10.24
N ALA B 83 -9.56 -10.32 10.79
CA ALA B 83 -10.59 -11.27 10.44
C ALA B 83 -10.95 -11.28 8.97
N LEU B 84 -11.13 -10.09 8.36
CA LEU B 84 -11.50 -10.01 6.96
C LEU B 84 -10.33 -10.48 6.09
N ALA B 85 -9.11 -10.16 6.47
CA ALA B 85 -7.93 -10.63 5.71
C ALA B 85 -7.83 -12.14 5.76
N GLN B 86 -8.05 -12.71 6.95
CA GLN B 86 -8.05 -14.17 7.10
C GLN B 86 -9.16 -14.84 6.28
N ALA B 87 -10.30 -14.19 6.09
CA ALA B 87 -11.44 -14.71 5.37
C ALA B 87 -11.22 -14.66 3.86
N GLY B 88 -10.11 -14.05 3.44
CA GLY B 88 -9.78 -14.01 2.04
C GLY B 88 -10.08 -12.70 1.31
N TYR B 89 -9.88 -11.57 2.01
CA TYR B 89 -10.14 -10.25 1.44
C TYR B 89 -8.90 -9.39 1.60
N ARG B 90 -8.74 -8.46 0.62
CA ARG B 90 -7.75 -7.40 0.72
C ARG B 90 -8.37 -6.18 1.38
N VAL B 91 -7.99 -5.90 2.61
CA VAL B 91 -8.62 -4.85 3.43
C VAL B 91 -7.85 -3.55 3.31
N LEU B 92 -8.56 -2.47 2.97
CA LEU B 92 -7.99 -1.12 2.99
C LEU B 92 -8.77 -0.29 4.04
N ALA B 93 -8.15 -0.01 5.18
CA ALA B 93 -8.84 0.74 6.25
C ALA B 93 -8.36 2.18 6.24
N MET B 94 -9.27 3.08 5.91
CA MET B 94 -8.90 4.48 5.68
C MET B 94 -8.78 5.28 6.99
N ASP B 95 -7.85 6.24 7.01
CA ASP B 95 -8.10 7.48 7.76
C ASP B 95 -8.92 8.42 6.88
N MET B 96 -10.15 8.72 7.26
CA MET B 96 -10.97 9.56 6.42
C MET B 96 -10.40 10.99 6.42
N LYS B 97 -10.76 11.73 5.36
CA LYS B 97 -10.31 13.13 5.28
C LYS B 97 -10.63 13.88 6.58
N GLY B 98 -9.63 14.58 7.12
CA GLY B 98 -9.75 15.21 8.41
C GLY B 98 -9.10 14.53 9.61
N TYR B 99 -8.69 13.24 9.46
CA TYR B 99 -8.31 12.40 10.55
C TYR B 99 -6.90 11.86 10.38
N GLY B 100 -6.25 11.63 11.53
CA GLY B 100 -5.05 10.83 11.62
C GLY B 100 -3.96 11.35 10.69
N GLU B 101 -3.44 10.46 9.82
CA GLU B 101 -2.38 10.87 8.91
C GLU B 101 -2.91 11.37 7.56
N SER B 102 -4.24 11.43 7.36
CA SER B 102 -4.87 12.01 6.18
C SER B 102 -4.89 13.54 6.30
N SER B 103 -4.86 14.20 5.16
CA SER B 103 -4.88 15.67 5.17
C SER B 103 -6.14 16.17 5.86
N ALA B 104 -6.04 17.36 6.49
CA ALA B 104 -7.17 17.99 7.17
C ALA B 104 -7.20 19.48 6.83
N PRO B 105 -7.56 19.87 5.59
CA PRO B 105 -7.69 21.28 5.23
C PRO B 105 -8.76 21.91 6.09
N PRO B 106 -8.60 23.21 6.43
CA PRO B 106 -9.54 23.81 7.37
C PRO B 106 -10.92 24.19 6.84
N GLU B 107 -11.07 24.29 5.52
CA GLU B 107 -12.27 24.82 4.89
C GLU B 107 -13.44 23.84 5.00
N ILE B 108 -14.60 24.39 5.36
CA ILE B 108 -15.77 23.57 5.64
C ILE B 108 -16.20 22.77 4.40
N GLU B 109 -16.18 23.39 3.21
CA GLU B 109 -16.74 22.80 2.01
C GLU B 109 -15.87 21.64 1.48
N GLU B 110 -14.65 21.50 1.99
CA GLU B 110 -13.80 20.36 1.65
C GLU B 110 -14.40 19.05 2.19
N TYR B 111 -15.45 19.12 3.01
CA TYR B 111 -15.99 17.93 3.69
C TYR B 111 -17.46 17.70 3.36
N CYS B 112 -17.95 18.29 2.27
CA CYS B 112 -19.25 17.93 1.79
C CYS B 112 -19.15 16.56 1.13
N MET B 113 -20.27 15.85 1.12
CA MET B 113 -20.30 14.48 0.61
C MET B 113 -19.85 14.45 -0.85
N GLU B 114 -20.21 15.46 -1.66
CA GLU B 114 -19.83 15.46 -3.06
C GLU B 114 -18.31 15.44 -3.21
N VAL B 115 -17.59 16.27 -2.47
CA VAL B 115 -16.16 16.34 -2.56
C VAL B 115 -15.57 15.03 -2.02
N LEU B 116 -16.13 14.54 -0.91
CA LEU B 116 -15.52 13.36 -0.25
C LEU B 116 -15.66 12.13 -1.15
N CYS B 117 -16.82 12.00 -1.79
CA CYS B 117 -17.05 10.86 -2.70
C CYS B 117 -16.14 10.90 -3.91
N LYS B 118 -16.00 12.07 -4.52
CA LYS B 118 -15.15 12.22 -5.68
C LYS B 118 -13.71 11.84 -5.32
N GLU B 119 -13.26 12.25 -4.15
CA GLU B 119 -11.92 11.90 -3.67
C GLU B 119 -11.77 10.37 -3.52
N MET B 120 -12.79 9.70 -3.04
CA MET B 120 -12.68 8.25 -2.88
C MET B 120 -12.62 7.56 -4.24
N VAL B 121 -13.32 8.10 -5.27
CA VAL B 121 -13.17 7.58 -6.62
C VAL B 121 -11.73 7.78 -7.13
N THR B 122 -11.18 8.97 -6.90
CA THR B 122 -9.81 9.22 -7.33
C THR B 122 -8.86 8.24 -6.62
N PHE B 123 -9.14 7.96 -5.34
CA PHE B 123 -8.32 7.03 -4.58
C PHE B 123 -8.26 5.65 -5.24
N LEU B 124 -9.43 5.14 -5.62
CA LEU B 124 -9.53 3.90 -6.38
C LEU B 124 -8.71 3.98 -7.66
N ASP B 125 -8.87 5.11 -8.37
CA ASP B 125 -8.20 5.26 -9.64
C ASP B 125 -6.68 5.18 -9.46
N LYS B 126 -6.15 5.86 -8.45
CA LYS B 126 -4.70 5.91 -8.31
CA LYS B 126 -4.70 5.94 -8.22
C LYS B 126 -4.17 4.56 -7.83
N LEU B 127 -4.99 3.79 -7.09
CA LEU B 127 -4.59 2.44 -6.72
C LEU B 127 -4.79 1.42 -7.84
N GLY B 128 -5.45 1.80 -8.93
CA GLY B 128 -5.68 0.87 -10.00
C GLY B 128 -6.76 -0.14 -9.72
N LEU B 129 -7.80 0.23 -8.92
CA LEU B 129 -8.90 -0.63 -8.56
C LEU B 129 -10.16 -0.22 -9.33
N SER B 130 -10.69 -1.12 -10.16
N SER B 130 -10.69 -1.18 -10.09
CA SER B 130 -11.89 -0.76 -10.88
CA SER B 130 -11.92 -0.93 -10.82
C SER B 130 -13.05 -0.53 -9.90
C SER B 130 -13.12 -0.80 -9.89
N GLN B 131 -13.07 -1.31 -8.82
N GLN B 131 -13.14 -1.63 -8.86
CA GLN B 131 -14.15 -1.28 -7.85
CA GLN B 131 -14.20 -1.57 -7.89
C GLN B 131 -13.70 -1.92 -6.55
C GLN B 131 -13.61 -1.86 -6.52
N ALA B 132 -14.41 -1.58 -5.48
CA ALA B 132 -14.16 -2.15 -4.17
C ALA B 132 -15.49 -2.36 -3.47
N VAL B 133 -15.48 -3.24 -2.48
CA VAL B 133 -16.60 -3.31 -1.54
C VAL B 133 -16.40 -2.14 -0.58
N PHE B 134 -17.45 -1.38 -0.26
CA PHE B 134 -17.37 -0.29 0.68
C PHE B 134 -18.21 -0.59 1.92
N ILE B 135 -17.55 -0.56 3.06
CA ILE B 135 -18.16 -0.81 4.36
C ILE B 135 -17.91 0.40 5.24
N GLY B 136 -18.99 1.01 5.72
CA GLY B 136 -18.85 2.22 6.50
C GLY B 136 -19.61 2.16 7.83
N HIS B 137 -19.22 2.98 8.79
CA HIS B 137 -19.93 3.17 10.04
C HIS B 137 -20.16 4.66 10.29
N ASP B 138 -21.35 5.02 10.75
CA ASP B 138 -21.58 6.41 11.17
C ASP B 138 -21.43 7.32 9.94
N TRP B 139 -20.67 8.43 10.02
CA TRP B 139 -20.49 9.26 8.84
C TRP B 139 -19.89 8.47 7.68
N GLY B 140 -19.05 7.45 7.99
CA GLY B 140 -18.51 6.62 6.92
C GLY B 140 -19.59 5.78 6.25
N GLY B 141 -20.62 5.44 7.02
CA GLY B 141 -21.80 4.79 6.46
C GLY B 141 -22.59 5.68 5.51
N MET B 142 -22.75 6.95 5.88
CA MET B 142 -23.37 7.90 4.99
C MET B 142 -22.59 7.99 3.69
N LEU B 143 -21.26 8.06 3.77
N LEU B 143 -21.25 8.07 3.79
CA LEU B 143 -20.44 8.21 2.59
CA LEU B 143 -20.40 8.19 2.63
C LEU B 143 -20.61 6.99 1.67
C LEU B 143 -20.59 7.00 1.69
N VAL B 144 -20.63 5.77 2.23
CA VAL B 144 -20.70 4.61 1.36
C VAL B 144 -22.04 4.54 0.65
N TRP B 145 -23.11 4.97 1.32
CA TRP B 145 -24.40 4.98 0.62
C TRP B 145 -24.37 5.91 -0.59
N TYR B 146 -23.78 7.08 -0.40
CA TYR B 146 -23.70 8.00 -1.51
CA TYR B 146 -23.63 8.08 -1.46
C TYR B 146 -22.75 7.52 -2.59
N MET B 147 -21.69 6.76 -2.23
CA MET B 147 -20.85 6.16 -3.25
C MET B 147 -21.66 5.15 -4.09
N ALA B 148 -22.51 4.36 -3.42
CA ALA B 148 -23.32 3.38 -4.12
C ALA B 148 -24.35 4.04 -5.03
N LEU B 149 -24.89 5.17 -4.57
CA LEU B 149 -25.88 5.94 -5.34
C LEU B 149 -25.27 6.58 -6.59
N PHE B 150 -24.16 7.28 -6.42
CA PHE B 150 -23.61 8.17 -7.42
C PHE B 150 -22.50 7.50 -8.24
N TYR B 151 -21.83 6.45 -7.67
CA TYR B 151 -20.76 5.77 -8.39
C TYR B 151 -20.93 4.25 -8.32
N PRO B 152 -22.10 3.72 -8.71
CA PRO B 152 -22.31 2.30 -8.60
C PRO B 152 -21.29 1.47 -9.37
N GLU B 153 -20.76 2.00 -10.50
CA GLU B 153 -19.82 1.29 -11.33
C GLU B 153 -18.49 1.05 -10.59
N ARG B 154 -18.27 1.79 -9.49
CA ARG B 154 -17.01 1.62 -8.73
C ARG B 154 -17.24 0.84 -7.44
N VAL B 155 -18.49 0.51 -7.14
CA VAL B 155 -18.86 -0.06 -5.84
C VAL B 155 -19.35 -1.48 -6.08
N ARG B 156 -18.57 -2.48 -5.69
CA ARG B 156 -18.90 -3.88 -5.93
C ARG B 156 -20.14 -4.24 -5.11
N ALA B 157 -20.14 -3.76 -3.87
CA ALA B 157 -21.19 -4.03 -2.88
C ALA B 157 -21.02 -3.00 -1.76
N VAL B 158 -22.07 -2.79 -0.97
CA VAL B 158 -22.03 -1.76 0.06
C VAL B 158 -22.62 -2.30 1.35
N ALA B 159 -21.98 -1.95 2.48
CA ALA B 159 -22.52 -2.26 3.79
C ALA B 159 -22.38 -1.06 4.71
N SER B 160 -23.42 -0.83 5.53
CA SER B 160 -23.37 0.19 6.54
C SER B 160 -23.65 -0.40 7.93
N LEU B 161 -22.87 0.05 8.90
CA LEU B 161 -23.13 -0.16 10.32
C LEU B 161 -23.83 1.09 10.86
N ASN B 162 -25.10 0.93 11.29
CA ASN B 162 -25.87 1.87 12.09
C ASN B 162 -26.56 2.92 11.20
N THR B 163 -25.84 3.46 10.21
CA THR B 163 -26.32 4.57 9.42
C THR B 163 -27.29 4.06 8.37
N PRO B 164 -28.57 4.50 8.39
CA PRO B 164 -29.50 4.13 7.33
C PRO B 164 -29.35 4.97 6.08
N PHE B 165 -29.96 4.49 4.99
CA PHE B 165 -30.11 5.26 3.79
C PHE B 165 -31.55 5.77 3.81
N ILE B 166 -31.69 7.09 3.98
N ILE B 166 -31.73 7.08 3.99
CA ILE B 166 -32.95 7.80 3.94
CA ILE B 166 -33.05 7.69 3.91
C ILE B 166 -32.90 8.78 2.76
C ILE B 166 -32.97 8.76 2.83
N PRO B 167 -33.74 8.61 1.71
CA PRO B 167 -33.71 9.59 0.62
C PRO B 167 -33.96 11.02 1.08
N ALA B 168 -33.29 11.95 0.44
CA ALA B 168 -33.46 13.37 0.71
C ALA B 168 -34.90 13.75 0.43
N ASN B 169 -35.44 14.63 1.27
CA ASN B 169 -36.81 15.11 1.14
C ASN B 169 -36.72 16.53 0.58
N PRO B 170 -37.02 16.71 -0.72
CA PRO B 170 -36.80 17.98 -1.39
C PRO B 170 -37.80 19.03 -0.89
N ASN B 171 -38.73 18.61 -0.02
CA ASN B 171 -39.74 19.50 0.51
C ASN B 171 -39.51 19.80 1.98
N MET B 172 -38.35 19.38 2.53
CA MET B 172 -38.02 19.70 3.90
C MET B 172 -36.53 20.00 3.98
N SER B 173 -36.18 21.17 4.54
CA SER B 173 -34.79 21.57 4.66
C SER B 173 -34.13 20.81 5.80
N PRO B 174 -32.79 20.57 5.75
CA PRO B 174 -32.12 19.85 6.83
C PRO B 174 -32.23 20.56 8.18
N LEU B 175 -32.38 21.89 8.16
CA LEU B 175 -32.59 22.65 9.39
C LEU B 175 -33.82 22.12 10.11
N GLU B 176 -34.96 22.13 9.40
CA GLU B 176 -36.22 21.66 9.94
C GLU B 176 -36.12 20.19 10.32
N SER B 177 -35.43 19.38 9.49
CA SER B 177 -35.35 17.95 9.75
C SER B 177 -34.61 17.69 11.07
N ILE B 178 -33.51 18.41 11.31
CA ILE B 178 -32.72 18.20 12.51
C ILE B 178 -33.55 18.58 13.74
N LYS B 179 -34.20 19.75 13.69
CA LYS B 179 -34.98 20.27 14.81
C LYS B 179 -36.21 19.41 15.07
N ALA B 180 -36.60 18.54 14.12
CA ALA B 180 -37.80 17.73 14.25
C ALA B 180 -37.57 16.52 15.16
N ASN B 181 -36.33 15.99 15.21
CA ASN B 181 -35.96 14.92 16.13
C ASN B 181 -34.99 15.48 17.18
N PRO B 182 -35.36 15.52 18.48
CA PRO B 182 -34.51 16.15 19.49
C PRO B 182 -33.24 15.39 19.89
N VAL B 183 -33.09 14.12 19.45
CA VAL B 183 -31.86 13.36 19.67
C VAL B 183 -30.72 14.05 18.91
N PHE B 184 -31.07 14.78 17.84
CA PHE B 184 -30.10 15.36 16.93
C PHE B 184 -29.71 16.79 17.31
N ASP B 185 -30.03 17.25 18.54
CA ASP B 185 -29.77 18.63 18.95
C ASP B 185 -28.28 18.97 18.92
N TYR B 186 -27.44 18.06 19.41
CA TYR B 186 -25.99 18.24 19.41
C TYR B 186 -25.47 18.57 18.00
N GLN B 187 -26.18 18.15 16.94
CA GLN B 187 -25.74 18.46 15.59
C GLN B 187 -25.81 19.97 15.40
N LEU B 188 -26.79 20.61 16.06
CA LEU B 188 -26.88 22.05 16.01
C LEU B 188 -25.70 22.67 16.76
N TYR B 189 -25.32 22.06 17.89
CA TYR B 189 -24.21 22.54 18.69
C TYR B 189 -22.87 22.41 17.94
N PHE B 190 -22.80 21.46 16.99
CA PHE B 190 -21.59 21.23 16.22
C PHE B 190 -21.45 22.22 15.06
N GLN B 191 -22.47 23.05 14.81
CA GLN B 191 -22.48 23.88 13.61
C GLN B 191 -21.48 25.04 13.64
N GLU B 192 -21.41 25.76 14.76
CA GLU B 192 -20.61 26.99 14.84
C GLU B 192 -19.12 26.68 15.04
N PRO B 193 -18.24 27.03 14.08
CA PRO B 193 -16.81 26.75 14.21
C PRO B 193 -16.15 27.30 15.48
N GLY B 194 -15.41 26.43 16.17
CA GLY B 194 -14.72 26.70 17.42
C GLY B 194 -15.52 26.29 18.64
N VAL B 195 -16.85 26.27 18.55
CA VAL B 195 -17.61 26.01 19.76
C VAL B 195 -17.30 24.58 20.19
N ALA B 196 -17.74 23.61 19.39
CA ALA B 196 -17.54 22.20 19.68
C ALA B 196 -16.06 21.85 19.78
N GLU B 197 -15.21 22.46 18.94
CA GLU B 197 -13.78 22.19 18.93
C GLU B 197 -13.14 22.39 20.31
N ALA B 198 -13.64 23.35 21.08
CA ALA B 198 -12.94 23.67 22.31
C ALA B 198 -13.33 22.69 23.41
N GLU B 199 -14.60 22.25 23.45
CA GLU B 199 -14.99 21.22 24.41
C GLU B 199 -14.13 19.98 24.10
N LEU B 200 -14.12 19.57 22.83
CA LEU B 200 -13.59 18.25 22.48
C LEU B 200 -12.06 18.17 22.57
N GLU B 201 -11.37 19.31 22.35
CA GLU B 201 -9.92 19.37 22.32
C GLU B 201 -9.30 19.70 23.69
N GLN B 202 -10.13 19.98 24.71
CA GLN B 202 -9.65 20.52 25.97
C GLN B 202 -8.88 19.46 26.73
N ASN B 203 -9.37 18.21 26.69
CA ASN B 203 -8.74 17.11 27.36
C ASN B 203 -9.06 15.87 26.55
N LEU B 204 -8.09 15.41 25.76
CA LEU B 204 -8.42 14.44 24.72
C LEU B 204 -8.74 13.10 25.37
N SER B 205 -8.00 12.76 26.44
N SER B 205 -7.98 12.74 26.42
CA SER B 205 -8.26 11.56 27.21
CA SER B 205 -8.28 11.56 27.21
C SER B 205 -9.68 11.54 27.75
C SER B 205 -9.72 11.57 27.68
N ARG B 206 -10.13 12.66 28.33
CA ARG B 206 -11.50 12.77 28.79
C ARG B 206 -12.48 12.69 27.62
N THR B 207 -12.16 13.35 26.50
CA THR B 207 -13.01 13.27 25.32
C THR B 207 -13.22 11.80 24.96
N PHE B 208 -12.15 11.02 24.82
CA PHE B 208 -12.34 9.70 24.26
C PHE B 208 -12.96 8.75 25.29
N LYS B 209 -12.61 8.90 26.57
CA LYS B 209 -13.19 8.05 27.61
C LYS B 209 -14.69 8.29 27.81
N SER B 210 -15.14 9.55 27.61
CA SER B 210 -16.54 9.94 27.74
C SER B 210 -17.36 9.43 26.56
N LEU B 211 -16.76 9.43 25.34
CA LEU B 211 -17.47 8.98 24.15
C LEU B 211 -17.52 7.44 24.03
N PHE B 212 -16.37 6.79 24.16
CA PHE B 212 -16.27 5.37 23.79
C PHE B 212 -16.71 4.50 24.97
N ARG B 213 -18.01 4.30 25.10
CA ARG B 213 -18.61 3.56 26.21
C ARG B 213 -19.75 2.67 25.70
N ALA B 214 -20.04 1.57 26.41
CA ALA B 214 -21.24 0.76 26.13
C ALA B 214 -22.49 1.54 26.48
N SER B 215 -23.63 1.12 25.93
N SER B 215 -23.66 1.17 25.94
CA SER B 215 -24.89 1.82 26.07
CA SER B 215 -24.81 2.06 26.10
C SER B 215 -25.19 2.10 27.54
C SER B 215 -25.28 2.10 27.55
N ASP B 216 -24.95 1.07 28.35
CA ASP B 216 -25.33 1.05 29.76
C ASP B 216 -24.32 1.83 30.60
N GLU B 217 -23.17 2.22 30.04
CA GLU B 217 -22.16 2.99 30.74
C GLU B 217 -22.20 4.48 30.37
N SER B 218 -23.15 4.89 29.53
CA SER B 218 -23.06 6.21 28.91
C SER B 218 -23.23 7.32 29.92
N VAL B 219 -22.65 8.47 29.61
CA VAL B 219 -22.62 9.65 30.47
C VAL B 219 -23.11 10.87 29.68
N LEU B 220 -23.59 10.68 28.45
CA LEU B 220 -23.93 11.81 27.60
C LEU B 220 -25.45 11.88 27.44
N SER B 221 -26.00 13.09 27.58
CA SER B 221 -27.44 13.31 27.52
C SER B 221 -27.87 13.44 26.06
N MET B 222 -27.31 14.45 25.38
CA MET B 222 -27.66 14.79 24.00
C MET B 222 -29.07 15.36 23.90
N HIS B 223 -29.65 15.76 25.05
CA HIS B 223 -30.81 16.64 25.07
C HIS B 223 -30.32 18.07 25.33
N LYS B 224 -30.86 19.04 24.60
CA LYS B 224 -30.54 20.45 24.80
C LYS B 224 -29.05 20.58 25.13
N VAL B 225 -28.22 20.12 24.21
CA VAL B 225 -26.77 20.17 24.37
C VAL B 225 -26.35 21.63 24.24
N CYS B 226 -27.08 22.39 23.43
CA CYS B 226 -26.82 23.82 23.26
C CYS B 226 -27.08 24.54 24.57
N GLU B 227 -28.31 24.41 25.10
CA GLU B 227 -28.71 25.09 26.33
C GLU B 227 -27.77 24.69 27.46
N ALA B 228 -27.42 23.40 27.51
CA ALA B 228 -26.49 22.89 28.52
C ALA B 228 -25.10 23.50 28.35
N GLY B 229 -24.74 23.85 27.11
CA GLY B 229 -23.46 24.50 26.81
C GLY B 229 -22.30 23.51 26.61
N GLY B 230 -22.59 22.27 26.17
CA GLY B 230 -21.56 21.32 25.80
C GLY B 230 -22.01 19.86 25.98
N LEU B 231 -21.28 18.94 25.32
CA LEU B 231 -21.54 17.52 25.40
C LEU B 231 -21.13 16.95 26.75
N PHE B 232 -20.05 17.49 27.35
CA PHE B 232 -19.40 16.88 28.51
C PHE B 232 -19.54 17.79 29.73
N VAL B 233 -20.30 18.90 29.64
CA VAL B 233 -20.49 19.81 30.76
C VAL B 233 -21.02 19.04 31.99
N ASN B 234 -21.78 17.97 31.77
CA ASN B 234 -22.44 17.25 32.84
C ASN B 234 -21.86 15.84 33.03
N SER B 235 -20.56 15.65 32.72
CA SER B 235 -19.91 14.34 32.80
C SER B 235 -18.63 14.42 33.65
N PRO B 236 -18.17 13.30 34.25
CA PRO B 236 -17.01 13.31 35.16
C PRO B 236 -15.72 13.85 34.57
N GLU B 237 -14.81 14.29 35.45
CA GLU B 237 -13.59 14.95 35.03
C GLU B 237 -12.49 13.91 34.83
N GLU B 238 -12.56 12.79 35.57
CA GLU B 238 -11.73 11.63 35.31
C GLU B 238 -12.64 10.43 35.10
N PRO B 239 -13.35 10.31 33.93
CA PRO B 239 -14.20 9.15 33.65
C PRO B 239 -13.46 7.83 33.80
N SER B 240 -14.21 6.83 34.22
CA SER B 240 -13.71 5.48 34.30
C SER B 240 -13.52 4.99 32.86
N LEU B 241 -12.68 3.98 32.69
CA LEU B 241 -12.49 3.35 31.39
C LEU B 241 -13.64 2.40 31.12
N SER B 242 -14.33 2.56 29.98
CA SER B 242 -15.33 1.61 29.52
C SER B 242 -14.76 0.20 29.54
N ARG B 243 -15.66 -0.77 29.73
CA ARG B 243 -15.27 -2.16 29.56
C ARG B 243 -14.86 -2.44 28.11
N MET B 244 -15.15 -1.53 27.17
CA MET B 244 -14.95 -1.80 25.74
C MET B 244 -13.52 -1.54 25.28
N VAL B 245 -12.76 -0.74 26.04
CA VAL B 245 -11.48 -0.21 25.61
C VAL B 245 -10.44 -0.34 26.70
N THR B 246 -9.16 -0.37 26.29
CA THR B 246 -8.02 -0.28 27.18
C THR B 246 -7.47 1.13 27.21
N GLU B 247 -6.69 1.41 28.26
CA GLU B 247 -5.95 2.65 28.35
C GLU B 247 -5.09 2.85 27.09
N GLU B 248 -4.40 1.80 26.62
CA GLU B 248 -3.47 1.99 25.52
C GLU B 248 -4.24 2.36 24.24
N GLU B 249 -5.42 1.75 24.03
CA GLU B 249 -6.32 2.06 22.92
C GLU B 249 -6.79 3.52 22.97
N ILE B 250 -7.25 3.99 24.15
CA ILE B 250 -7.53 5.41 24.26
C ILE B 250 -6.34 6.27 23.87
N GLN B 251 -5.15 5.94 24.35
CA GLN B 251 -3.99 6.78 24.13
C GLN B 251 -3.63 6.86 22.62
N PHE B 252 -3.94 5.80 21.87
CA PHE B 252 -3.73 5.85 20.40
C PHE B 252 -4.62 6.94 19.80
N TYR B 253 -5.90 6.96 20.19
CA TYR B 253 -6.80 7.97 19.68
C TYR B 253 -6.30 9.37 20.09
N VAL B 254 -5.89 9.52 21.36
CA VAL B 254 -5.33 10.80 21.80
C VAL B 254 -4.20 11.27 20.87
N GLN B 255 -3.22 10.40 20.61
CA GLN B 255 -2.06 10.77 19.81
C GLN B 255 -2.49 11.15 18.38
N GLN B 256 -3.46 10.43 17.82
CA GLN B 256 -3.92 10.75 16.48
C GLN B 256 -4.52 12.15 16.38
N PHE B 257 -5.32 12.52 17.40
CA PHE B 257 -6.09 13.76 17.30
C PHE B 257 -5.23 14.97 17.65
N LYS B 258 -4.02 14.74 18.14
CA LYS B 258 -3.06 15.82 18.31
C LYS B 258 -2.59 16.38 16.96
N LYS B 259 -2.68 15.60 15.87
CA LYS B 259 -2.18 16.05 14.58
C LYS B 259 -3.02 17.18 13.97
N SER B 260 -4.35 17.06 13.94
CA SER B 260 -5.21 18.05 13.30
C SER B 260 -6.35 18.51 14.21
N GLY B 261 -6.57 17.85 15.34
CA GLY B 261 -7.66 18.20 16.22
C GLY B 261 -9.02 17.93 15.58
N PHE B 262 -10.04 18.69 15.95
CA PHE B 262 -11.42 18.31 15.68
C PHE B 262 -12.09 19.15 14.59
N ARG B 263 -11.37 20.13 14.01
CA ARG B 263 -12.01 21.01 13.03
C ARG B 263 -12.47 20.23 11.80
N GLY B 264 -11.55 19.46 11.21
CA GLY B 264 -11.89 18.70 10.01
C GLY B 264 -12.98 17.67 10.30
N PRO B 265 -12.83 16.87 11.37
CA PRO B 265 -13.89 15.94 11.81
C PRO B 265 -15.28 16.61 11.92
N LEU B 266 -15.32 17.76 12.67
CA LEU B 266 -16.60 18.44 12.85
C LEU B 266 -17.15 19.01 11.53
N ASN B 267 -16.26 19.39 10.61
CA ASN B 267 -16.68 19.89 9.32
C ASN B 267 -17.57 18.90 8.58
N TRP B 268 -17.45 17.58 8.86
CA TRP B 268 -18.36 16.64 8.22
C TRP B 268 -19.83 16.99 8.52
N TYR B 269 -20.09 17.62 9.68
CA TYR B 269 -21.46 17.98 10.09
C TYR B 269 -21.90 19.37 9.61
N ARG B 270 -21.04 20.07 8.90
CA ARG B 270 -21.32 21.48 8.62
C ARG B 270 -21.67 21.71 7.15
N ASN B 271 -22.17 20.68 6.45
CA ASN B 271 -22.39 20.76 5.02
C ASN B 271 -23.82 20.30 4.73
N MET B 272 -24.74 20.51 5.71
CA MET B 272 -26.05 19.89 5.66
C MET B 272 -26.81 20.40 4.43
N GLU B 273 -26.73 21.70 4.18
CA GLU B 273 -27.43 22.29 3.04
C GLU B 273 -26.84 21.74 1.72
N ARG B 274 -25.51 21.77 1.60
N ARG B 274 -25.52 21.78 1.56
CA ARG B 274 -24.83 21.32 0.40
CA ARG B 274 -24.86 21.30 0.34
C ARG B 274 -25.15 19.85 0.11
C ARG B 274 -25.22 19.83 0.10
N ASN B 275 -25.17 19.00 1.16
CA ASN B 275 -25.40 17.57 1.02
C ASN B 275 -26.83 17.28 0.56
N TRP B 276 -27.80 18.07 1.07
CA TRP B 276 -29.20 17.85 0.75
C TRP B 276 -29.48 18.21 -0.71
N LYS B 277 -28.88 19.30 -1.18
CA LYS B 277 -29.02 19.73 -2.58
C LYS B 277 -28.46 18.65 -3.50
N TRP B 278 -27.27 18.14 -3.15
CA TRP B 278 -26.66 17.09 -3.94
C TRP B 278 -27.55 15.86 -3.92
N ALA B 279 -28.00 15.42 -2.74
CA ALA B 279 -28.76 14.20 -2.65
C ALA B 279 -30.03 14.27 -3.50
N CYS B 280 -30.64 15.47 -3.53
CA CYS B 280 -31.91 15.70 -4.20
C CYS B 280 -31.77 15.40 -5.69
N LYS B 281 -30.60 15.69 -6.26
CA LYS B 281 -30.34 15.45 -7.67
C LYS B 281 -30.51 13.98 -8.08
N SER B 282 -30.42 13.06 -7.11
CA SER B 282 -30.46 11.63 -7.39
C SER B 282 -31.85 11.04 -7.24
N LEU B 283 -32.79 11.80 -6.66
CA LEU B 283 -34.07 11.26 -6.24
C LEU B 283 -34.76 10.51 -7.37
N GLY B 284 -35.33 9.36 -7.00
CA GLY B 284 -35.92 8.44 -7.95
C GLY B 284 -34.94 7.36 -8.40
N ARG B 285 -33.65 7.50 -8.10
CA ARG B 285 -32.65 6.51 -8.45
C ARG B 285 -32.57 5.50 -7.31
N LYS B 286 -32.44 4.21 -7.65
CA LYS B 286 -32.32 3.15 -6.66
C LYS B 286 -30.87 2.66 -6.64
N ILE B 287 -30.54 1.91 -5.58
CA ILE B 287 -29.26 1.24 -5.44
C ILE B 287 -29.47 -0.22 -5.79
N LEU B 288 -28.88 -0.68 -6.90
CA LEU B 288 -29.18 -2.01 -7.39
C LEU B 288 -28.05 -2.99 -7.06
N ILE B 289 -26.97 -2.51 -6.44
CA ILE B 289 -25.88 -3.40 -6.12
C ILE B 289 -26.20 -4.12 -4.82
N PRO B 290 -25.49 -5.22 -4.51
CA PRO B 290 -25.66 -5.93 -3.23
C PRO B 290 -25.41 -5.03 -2.04
N ALA B 291 -26.33 -5.01 -1.07
CA ALA B 291 -26.29 -4.06 0.02
C ALA B 291 -26.60 -4.75 1.34
N LEU B 292 -25.97 -4.27 2.41
CA LEU B 292 -26.13 -4.82 3.76
C LEU B 292 -26.35 -3.66 4.72
N MET B 293 -27.44 -3.71 5.49
CA MET B 293 -27.73 -2.73 6.54
C MET B 293 -27.66 -3.42 7.89
N VAL B 294 -26.76 -2.98 8.77
CA VAL B 294 -26.61 -3.61 10.06
C VAL B 294 -27.05 -2.63 11.14
N THR B 295 -28.06 -3.06 11.94
CA THR B 295 -28.60 -2.18 12.98
C THR B 295 -28.06 -2.62 14.33
N ALA B 296 -28.02 -1.64 15.25
CA ALA B 296 -27.50 -1.79 16.59
C ALA B 296 -28.62 -1.44 17.59
N GLU B 297 -28.99 -2.41 18.44
CA GLU B 297 -30.16 -2.31 19.30
C GLU B 297 -30.10 -1.08 20.21
N LYS B 298 -28.93 -0.80 20.78
CA LYS B 298 -28.77 0.24 21.79
C LYS B 298 -28.04 1.50 21.26
N ASP B 299 -28.10 1.74 19.95
CA ASP B 299 -27.68 3.03 19.42
C ASP B 299 -28.91 3.93 19.51
N PHE B 300 -28.91 4.85 20.47
CA PHE B 300 -30.13 5.60 20.72
C PHE B 300 -30.19 6.85 19.83
N VAL B 301 -29.22 7.01 18.91
CA VAL B 301 -29.23 8.12 17.97
C VAL B 301 -29.52 7.60 16.57
N LEU B 302 -28.69 6.67 16.05
CA LEU B 302 -28.98 6.03 14.79
C LEU B 302 -29.75 4.74 15.11
N VAL B 303 -31.06 4.88 15.36
CA VAL B 303 -31.83 3.80 15.96
C VAL B 303 -32.27 2.87 14.85
N PRO B 304 -32.43 1.56 15.14
CA PRO B 304 -32.83 0.61 14.11
C PRO B 304 -34.04 1.02 13.27
N GLN B 305 -35.01 1.66 13.92
CA GLN B 305 -36.28 2.00 13.27
C GLN B 305 -36.04 2.98 12.12
N MET B 306 -34.96 3.75 12.16
CA MET B 306 -34.66 4.66 11.07
C MET B 306 -34.39 3.94 9.76
N SER B 307 -34.07 2.65 9.80
CA SER B 307 -33.78 1.88 8.60
C SER B 307 -35.00 1.21 7.98
N GLN B 308 -36.19 1.43 8.57
N GLN B 308 -36.19 1.43 8.56
CA GLN B 308 -37.40 0.75 8.11
CA GLN B 308 -37.36 0.73 8.08
C GLN B 308 -37.72 1.19 6.68
C GLN B 308 -37.68 1.19 6.66
N HIS B 309 -38.02 0.23 5.80
CA HIS B 309 -38.44 0.48 4.43
C HIS B 309 -37.27 0.83 3.52
N MET B 310 -36.03 0.56 3.92
CA MET B 310 -34.92 0.78 3.00
C MET B 310 -35.06 -0.10 1.77
N GLU B 311 -35.72 -1.26 1.94
CA GLU B 311 -35.98 -2.16 0.83
C GLU B 311 -36.70 -1.44 -0.32
N ASP B 312 -37.43 -0.35 -0.05
CA ASP B 312 -38.11 0.39 -1.11
C ASP B 312 -37.15 0.90 -2.18
N TRP B 313 -35.88 1.17 -1.82
CA TRP B 313 -34.93 1.85 -2.70
C TRP B 313 -33.72 0.97 -2.98
N ILE B 314 -33.69 -0.18 -2.30
CA ILE B 314 -32.56 -1.11 -2.32
C ILE B 314 -33.09 -2.54 -2.47
N PRO B 315 -33.38 -2.97 -3.72
CA PRO B 315 -33.86 -4.32 -4.02
C PRO B 315 -33.14 -5.50 -3.39
N HIS B 316 -31.79 -5.50 -3.37
CA HIS B 316 -31.07 -6.68 -2.91
C HIS B 316 -30.54 -6.51 -1.50
N LEU B 317 -31.31 -5.79 -0.66
CA LEU B 317 -30.85 -5.43 0.66
C LEU B 317 -30.90 -6.63 1.58
N LYS B 318 -29.76 -6.93 2.21
CA LYS B 318 -29.70 -7.87 3.31
C LYS B 318 -29.60 -7.07 4.60
N ARG B 319 -29.88 -7.73 5.72
CA ARG B 319 -29.86 -7.06 6.99
C ARG B 319 -29.19 -7.94 8.02
N GLY B 320 -28.61 -7.27 9.01
CA GLY B 320 -28.10 -7.83 10.23
C GLY B 320 -28.59 -6.94 11.37
N HIS B 321 -28.61 -7.52 12.56
CA HIS B 321 -28.99 -6.82 13.77
C HIS B 321 -28.12 -7.35 14.91
N ILE B 322 -27.57 -6.47 15.73
CA ILE B 322 -26.75 -6.84 16.84
C ILE B 322 -27.45 -6.36 18.13
N GLU B 323 -27.80 -7.32 18.98
CA GLU B 323 -28.35 -7.03 20.29
C GLU B 323 -27.28 -6.51 21.23
N ASP B 324 -27.69 -5.72 22.23
CA ASP B 324 -26.83 -5.32 23.32
C ASP B 324 -25.63 -4.47 22.84
N CYS B 325 -25.87 -3.72 21.76
CA CYS B 325 -24.83 -3.00 21.02
C CYS B 325 -25.20 -1.52 20.94
N GLY B 326 -24.29 -0.67 21.39
CA GLY B 326 -24.44 0.78 21.28
C GLY B 326 -23.86 1.31 19.96
N HIS B 327 -23.53 2.59 19.97
CA HIS B 327 -23.10 3.27 18.76
C HIS B 327 -21.76 2.75 18.22
N TRP B 328 -20.89 2.25 19.09
CA TRP B 328 -19.49 1.99 18.73
C TRP B 328 -19.36 0.53 18.32
N THR B 329 -20.08 0.20 17.26
CA THR B 329 -20.45 -1.17 16.94
C THR B 329 -19.23 -2.10 16.86
N GLN B 330 -18.21 -1.65 16.10
CA GLN B 330 -17.07 -2.50 15.82
C GLN B 330 -16.30 -2.89 17.06
N MET B 331 -16.24 -2.04 18.11
CA MET B 331 -15.55 -2.38 19.34
C MET B 331 -16.48 -2.91 20.43
N ASP B 332 -17.79 -2.69 20.30
CA ASP B 332 -18.73 -3.17 21.31
C ASP B 332 -18.94 -4.67 21.11
N LYS B 333 -19.18 -5.04 19.85
CA LYS B 333 -19.55 -6.37 19.44
C LYS B 333 -18.70 -6.83 18.24
N PRO B 334 -17.38 -6.89 18.41
CA PRO B 334 -16.50 -7.23 17.26
C PRO B 334 -16.73 -8.61 16.66
N THR B 335 -16.96 -9.62 17.52
CA THR B 335 -17.22 -10.98 17.02
C THR B 335 -18.44 -11.02 16.13
N GLU B 336 -19.53 -10.40 16.60
CA GLU B 336 -20.77 -10.42 15.85
C GLU B 336 -20.62 -9.65 14.53
N VAL B 337 -19.98 -8.47 14.57
CA VAL B 337 -19.71 -7.70 13.37
C VAL B 337 -18.93 -8.59 12.39
N ASN B 338 -17.87 -9.21 12.87
CA ASN B 338 -17.05 -10.04 11.98
C ASN B 338 -17.88 -11.14 11.34
N GLN B 339 -18.71 -11.80 12.15
CA GLN B 339 -19.55 -12.86 11.61
C GLN B 339 -20.52 -12.38 10.54
N ILE B 340 -21.22 -11.27 10.77
CA ILE B 340 -22.19 -10.73 9.84
C ILE B 340 -21.51 -10.31 8.53
N LEU B 341 -20.38 -9.61 8.67
CA LEU B 341 -19.68 -9.10 7.50
C LEU B 341 -19.11 -10.22 6.62
N ILE B 342 -18.47 -11.22 7.23
CA ILE B 342 -17.86 -12.29 6.45
C ILE B 342 -18.91 -13.19 5.81
N LYS B 343 -20.04 -13.44 6.50
CA LYS B 343 -21.11 -14.20 5.88
C LYS B 343 -21.65 -13.48 4.66
N TRP B 344 -21.87 -12.17 4.76
CA TRP B 344 -22.41 -11.39 3.67
C TRP B 344 -21.40 -11.27 2.52
N LEU B 345 -20.14 -11.00 2.84
CA LEU B 345 -19.10 -10.85 1.82
C LEU B 345 -19.02 -12.14 0.97
N ASP B 346 -18.99 -13.26 1.68
CA ASP B 346 -18.91 -14.60 1.08
C ASP B 346 -20.10 -14.92 0.16
N SER B 347 -21.34 -14.61 0.56
N SER B 347 -21.31 -14.43 0.48
CA SER B 347 -22.48 -14.87 -0.31
CA SER B 347 -22.51 -14.91 -0.19
C SER B 347 -22.60 -13.78 -1.36
C SER B 347 -23.08 -13.90 -1.19
N ASP B 348 -23.03 -12.59 -0.93
CA ASP B 348 -23.66 -11.62 -1.83
C ASP B 348 -22.69 -10.69 -2.55
N ALA B 349 -21.48 -10.51 -2.02
CA ALA B 349 -20.57 -9.52 -2.57
C ALA B 349 -19.51 -10.18 -3.44
N ARG B 350 -19.17 -11.43 -3.11
CA ARG B 350 -18.19 -12.22 -3.85
C ARG B 350 -18.95 -13.29 -4.65
N1 A1H5M C . 25.58 -10.89 -9.52
N3 A1H5M C . 27.07 -3.12 -17.99
C4 A1H5M C . 27.23 -9.19 -10.31
C5 A1H5M C . 25.96 -9.69 -10.09
C6 A1H5M C . 26.48 -11.92 -8.99
C7 A1H5M C . 26.84 -12.98 -10.00
C8 A1H5M C . 27.84 -13.91 -9.76
C10 A1H5M C . 27.48 -14.91 -11.90
C13 A1H5M C . 24.21 -10.93 -9.52
C15 A1H5M C . 24.80 -8.99 -10.43
C17 A1H5M C . 25.39 -3.81 -12.62
C20 A1H5M C . 26.62 -1.27 -13.48
C21 A1H5M C . 26.83 -2.22 -15.76
C22 A1H5M C . 26.68 -3.26 -16.66
O1 A1H5M C . 27.47 -5.34 -11.83
C1 A1H5M C . 26.35 -5.87 -11.83
C2 A1H5M C . 26.16 -7.22 -11.25
C3 A1H5M C . 27.31 -7.94 -10.88
C9 A1H5M C . 28.15 -14.86 -10.70
C11 A1H5M C . 26.50 -13.98 -12.11
F1 A1H5M C . 25.84 -13.99 -13.27
C12 A1H5M C . 26.18 -13.02 -11.21
C14 A1H5M C . 23.70 -9.81 -10.08
C16 A1H5M C . 24.91 -7.75 -11.03
N2 A1H5M C . 25.30 -5.23 -12.34
C18 A1H5M C . 25.86 -3.60 -14.03
C19 A1H5M C . 26.44 -2.39 -14.43
F2 A1H5M C . 25.51 -1.00 -12.84
F3 A1H5M C . 27.52 -1.52 -12.57
F4 A1H5M C . 27.12 -0.22 -14.04
S1 A1H5M C . 27.00 -1.73 -18.84
O2 A1H5M C . 25.94 -0.95 -18.28
C23 A1H5M C . 26.57 -2.17 -20.50
O10 A1H5M C . 28.33 -1.21 -18.85
C47 A1H5M C . 26.15 -4.47 -16.25
C48 A1H5M C . 25.75 -4.63 -14.96
C1 EDO D . 14.43 -5.63 0.74
O1 EDO D . 15.26 -5.16 -0.26
C2 EDO D . 15.05 -6.53 1.82
O2 EDO D . 15.36 -5.83 3.00
C1 EDO E . 0.37 0.90 -0.22
O1 EDO E . -0.60 0.87 -1.28
C2 EDO E . 0.02 0.34 1.16
O2 EDO E . 0.10 -1.02 1.25
C1 EDO F . 0.50 4.97 -13.48
O1 EDO F . 0.46 4.87 -14.94
C2 EDO F . 0.25 6.37 -12.98
O2 EDO F . 1.16 7.39 -13.42
C1 EDO G . 6.87 -18.96 -21.96
O1 EDO G . 6.51 -18.12 -20.88
C2 EDO G . 8.32 -19.01 -22.18
O2 EDO G . 8.60 -19.30 -23.53
C1 EDO H . 10.10 11.99 -14.11
O1 EDO H . 9.33 13.14 -14.46
C2 EDO H . 9.48 11.40 -12.92
O2 EDO H . 9.27 12.35 -11.89
C1 EDO I . 12.11 -15.68 7.85
O1 EDO I . 11.30 -16.66 8.47
C2 EDO I . 11.65 -14.30 8.13
O2 EDO I . 11.24 -14.11 9.48
C1 EDO J . 21.66 -27.53 -5.79
O1 EDO J . 22.93 -27.35 -6.39
C2 EDO J . 21.23 -26.41 -4.91
O2 EDO J . 20.87 -25.25 -5.64
C1 PEG K . -5.48 -13.82 -5.57
O1 PEG K . -4.24 -13.91 -4.90
C2 PEG K . -6.31 -12.66 -5.10
O2 PEG K . -6.76 -11.93 -6.24
C3 PEG K . -7.39 -10.69 -5.94
C4 PEG K . -8.80 -10.66 -6.49
O4 PEG K . -9.11 -9.45 -7.17
C1 PEG L . -4.31 -9.61 -4.56
O1 PEG L . -5.12 -9.14 -3.55
C2 PEG L . -3.01 -10.11 -4.06
O2 PEG L . -3.00 -11.53 -4.22
C3 PEG L . -1.74 -12.12 -3.92
C4 PEG L . -1.79 -13.37 -3.20
O4 PEG L . -1.02 -13.27 -2.01
N1 A1H5M M . -25.80 11.32 9.75
N3 A1H5M M . -23.85 8.27 20.98
C4 A1H5M M . -25.72 12.37 12.00
C5 A1H5M M . -25.32 11.48 11.02
C6 A1H5M M . -26.86 12.13 9.14
C7 A1H5M M . -28.24 11.52 9.23
C8 A1H5M M . -29.30 12.21 8.66
C10 A1H5M M . -30.84 10.50 9.33
C13 A1H5M M . -25.06 10.32 9.14
C15 A1H5M M . -24.29 10.54 11.22
C17 A1H5M M . -21.65 10.58 16.23
C20 A1H5M M . -20.72 11.40 18.89
C21 A1H5M M . -22.32 9.78 19.89
C22 A1H5M M . -23.33 8.85 19.78
O1 A1H5M M . -23.50 12.43 15.48
C1 A1H5M M . -23.37 11.44 14.77
C2 A1H5M M . -24.04 11.39 13.44
C3 A1H5M M . -25.06 12.33 13.20
C9 A1H5M M . -30.58 11.70 8.71
C11 A1H5M M . -29.78 9.83 9.88
F1 A1H5M M . -30.02 8.66 10.48
C12 A1H5M M . -28.49 10.31 9.85
C14 A1H5M M . -24.18 9.81 10.02
C16 A1H5M M . -23.66 10.50 12.45
N2 A1H5M M . -22.56 10.44 15.09
C18 A1H5M M . -22.28 10.01 17.49
C19 A1H5M M . -21.79 10.37 18.75
F2 A1H5M M . -20.39 11.62 20.16
F3 A1H5M M . -19.62 11.05 18.21
F4 A1H5M M . -21.14 12.59 18.44
S1 A1H5M M . -23.07 8.00 22.39
O2 A1H5M M . -23.58 9.02 23.23
C23 A1H5M M . -23.66 6.45 23.01
O10 A1H5M M . -21.65 7.89 22.22
C47 A1H5M M . -23.83 8.49 18.54
C48 A1H5M M . -23.30 9.07 17.40
C1 EDO N . -5.32 0.41 -13.76
O1 EDO N . -4.27 1.34 -13.86
C2 EDO N . -4.87 -0.69 -12.89
O2 EDO N . -5.64 -1.83 -12.92
C1 EDO O . -1.08 -6.83 12.90
O1 EDO O . -0.94 -6.30 14.23
C2 EDO O . -2.47 -7.22 12.47
O2 EDO O . -3.01 -8.34 13.23
C1 EDO P . -12.37 10.52 1.18
O1 EDO P . -12.38 11.85 0.82
C2 EDO P . -11.72 10.27 2.47
O2 EDO P . -12.56 10.53 3.46
C1 PEG Q . -7.44 -6.49 -4.87
O1 PEG Q . -6.25 -7.24 -5.36
C2 PEG Q . -8.72 -7.05 -5.28
O2 PEG Q . -9.56 -5.98 -5.72
C3 PEG Q . -10.82 -6.38 -6.22
C4 PEG Q . -11.39 -5.28 -7.05
O4 PEG Q . -10.51 -4.16 -7.23
C1 PEG R . -8.26 -3.09 -13.81
O1 PEG R . -7.91 -1.72 -13.68
C2 PEG R . -9.59 -3.41 -13.17
O2 PEG R . -9.69 -4.77 -12.73
C3 PEG R . -10.99 -5.22 -12.35
C4 PEG R . -11.01 -5.79 -10.96
O4 PEG R . -11.64 -4.93 -9.98
#